data_6MRM
#
_entry.id   6MRM
#
_cell.length_a   1
_cell.length_b   1
_cell.length_c   1
_cell.angle_alpha   90.00
_cell.angle_beta   90.00
_cell.angle_gamma   90.00
#
_symmetry.space_group_name_H-M   'P 1'
#
loop_
_entity.id
_entity.type
_entity.pdbx_description
1 polymer 'Capsid protein'
2 non-polymer 'CALCIUM ION'
#
_entity_poly.entity_id   1
_entity_poly.type   'polypeptide(L)'
_entity_poly.pdbx_seq_one_letter_code
;MSSKAPKKSKQRSQPRNRTPNTSVKTVAIPFAKTQIIKTVNPPPKPARGILHTQLVMSVVGSVQMRTNNGKSNQRFRLNP
SNPALFPTLAYEAANYDMYRLKKLTLRYVPLVTVQNSGRVAMIWDPDSQDSAPQSRQEISAYSRSVSTAVYEKCSLTIPA
DNQWRFVADNTTVDRKLVDFGQLLFVTHSGSDGIETGDIFLDCEVEFKGPQPTASIVQKTVIDLGGTLTSFEGPSYLMPP
DAFITSSSFGLFVDVAGTYLLTLVVTCSTTGSVTVGGNSTLVGDGRAAYGSSNYIASIVFTSSGVLSTTPSVQFSGSSGV
SRVQMNICRCKQGNTFILG
;
_entity_poly.pdbx_strand_id   A,B,C
#
loop_
_chem_comp.id
_chem_comp.type
_chem_comp.name
_chem_comp.formula
CA non-polymer 'CALCIUM ION' 'Ca 2'
#
# COMPACT_ATOMS: atom_id res chain seq x y z
CA ARG A 48 20.76 13.61 -26.37
C ARG A 48 19.67 14.40 -25.66
N GLY A 49 19.57 14.21 -24.35
CA GLY A 49 18.62 14.93 -23.53
C GLY A 49 19.14 16.27 -23.09
N ILE A 50 18.49 16.82 -22.07
CA ILE A 50 18.87 18.10 -21.48
C ILE A 50 19.15 17.86 -20.01
N LEU A 51 20.33 18.26 -19.55
CA LEU A 51 20.62 18.15 -18.14
C LEU A 51 19.88 19.21 -17.35
N HIS A 52 19.72 18.96 -16.05
CA HIS A 52 18.98 19.86 -15.17
C HIS A 52 19.71 19.90 -13.84
N THR A 53 20.60 20.87 -13.66
CA THR A 53 21.24 21.06 -12.37
C THR A 53 20.25 21.68 -11.41
N GLN A 54 20.08 21.05 -10.24
CA GLN A 54 19.06 21.50 -9.30
C GLN A 54 19.59 21.45 -7.88
N LEU A 55 19.23 22.47 -7.11
CA LEU A 55 19.61 22.53 -5.71
C LEU A 55 18.80 21.56 -4.88
N VAL A 56 19.47 20.78 -4.05
CA VAL A 56 18.77 19.81 -3.20
C VAL A 56 18.72 20.30 -1.77
N MET A 57 19.87 20.45 -1.15
CA MET A 57 19.96 20.91 0.24
C MET A 57 20.93 22.06 0.35
N SER A 58 21.01 22.56 1.57
CA SER A 58 22.16 23.32 2.04
C SER A 58 22.60 22.63 3.32
N VAL A 59 23.78 22.05 3.29
CA VAL A 59 24.19 21.13 4.34
C VAL A 59 24.58 21.89 5.59
N VAL A 60 23.97 21.52 6.70
CA VAL A 60 24.27 22.09 8.01
C VAL A 60 24.92 21.00 8.84
N GLY A 61 26.17 21.21 9.20
CA GLY A 61 26.92 20.18 9.90
C GLY A 61 26.48 20.05 11.34
N SER A 62 26.74 18.86 11.89
CA SER A 62 26.33 18.55 13.25
C SER A 62 27.38 17.66 13.88
N VAL A 63 27.44 17.71 15.21
CA VAL A 63 28.49 16.99 15.92
C VAL A 63 28.22 15.50 15.95
N GLN A 64 27.03 15.11 16.38
CA GLN A 64 26.84 13.72 16.75
C GLN A 64 26.61 12.82 15.55
N MET A 65 25.42 12.93 14.94
CA MET A 65 24.99 12.06 13.85
C MET A 65 23.66 12.60 13.35
N ARG A 66 23.52 12.86 12.05
CA ARG A 66 22.25 13.40 11.58
C ARG A 66 22.11 13.10 10.11
N THR A 67 20.89 12.75 9.69
CA THR A 67 20.68 11.99 8.46
C THR A 67 20.10 12.79 7.31
N ASN A 68 19.20 13.73 7.56
CA ASN A 68 18.71 14.62 6.53
C ASN A 68 18.60 16.01 7.13
N ASN A 69 19.67 16.40 7.81
CA ASN A 69 19.83 17.47 8.80
C ASN A 69 18.56 17.71 9.62
N GLY A 70 18.01 16.63 10.16
CA GLY A 70 16.92 16.75 11.09
C GLY A 70 15.63 16.16 10.59
N LYS A 71 15.35 16.33 9.30
CA LYS A 71 14.10 15.87 8.75
C LYS A 71 14.13 14.36 8.55
N SER A 72 12.96 13.78 8.33
CA SER A 72 12.81 12.34 8.45
C SER A 72 13.30 11.63 7.21
N ASN A 73 13.11 10.31 7.20
CA ASN A 73 13.48 9.46 6.08
C ASN A 73 12.32 9.36 5.08
N GLN A 74 11.84 10.52 4.69
CA GLN A 74 10.71 10.67 3.80
C GLN A 74 10.96 11.77 2.78
N ARG A 75 12.01 12.57 2.99
CA ARG A 75 12.17 13.81 2.27
C ARG A 75 12.63 13.58 0.84
N PHE A 76 13.68 12.81 0.67
CA PHE A 76 14.30 12.68 -0.64
C PHE A 76 13.92 11.36 -1.30
N ARG A 77 12.63 11.23 -1.59
CA ARG A 77 12.17 10.18 -2.49
C ARG A 77 12.53 10.55 -3.90
N LEU A 78 13.06 9.59 -4.67
CA LEU A 78 13.33 9.90 -6.07
C LEU A 78 12.12 9.75 -6.99
N ASN A 79 11.05 10.35 -6.63
CA ASN A 79 10.10 10.66 -7.69
C ASN A 79 10.36 12.07 -8.19
N PRO A 80 10.01 12.37 -9.43
CA PRO A 80 10.04 13.76 -9.87
C PRO A 80 8.88 14.58 -9.33
N SER A 81 7.98 14.01 -8.56
CA SER A 81 6.98 14.79 -7.84
C SER A 81 7.45 15.07 -6.41
N ASN A 82 8.66 15.56 -6.30
CA ASN A 82 9.25 15.80 -5.01
C ASN A 82 10.01 17.11 -5.06
N PRO A 83 9.43 18.19 -4.52
CA PRO A 83 10.03 19.52 -4.70
C PRO A 83 11.36 19.71 -4.01
N ALA A 84 11.69 18.88 -3.02
CA ALA A 84 13.02 18.98 -2.43
C ALA A 84 14.09 18.53 -3.41
N LEU A 85 13.84 17.45 -4.14
CA LEU A 85 14.79 16.98 -5.13
C LEU A 85 14.61 17.60 -6.50
N PHE A 86 13.43 18.10 -6.80
CA PHE A 86 13.13 18.60 -8.14
C PHE A 86 12.38 19.91 -8.03
N PRO A 87 13.09 21.00 -7.74
CA PRO A 87 12.41 22.27 -7.58
C PRO A 87 11.93 22.86 -8.89
N THR A 88 12.45 22.40 -10.01
CA THR A 88 12.00 22.85 -11.31
C THR A 88 11.35 21.77 -12.15
N LEU A 89 11.82 20.53 -12.06
CA LEU A 89 11.23 19.47 -12.86
C LEU A 89 9.88 19.02 -12.37
N ALA A 90 9.47 19.41 -11.16
CA ALA A 90 8.16 18.99 -10.66
C ALA A 90 7.03 19.69 -11.41
N TYR A 91 7.29 20.85 -11.99
CA TYR A 91 6.29 21.48 -12.85
C TYR A 91 6.14 20.72 -14.14
N GLU A 92 7.23 20.24 -14.72
CA GLU A 92 7.11 19.38 -15.89
C GLU A 92 6.51 18.04 -15.52
N ALA A 93 6.85 17.53 -14.35
CA ALA A 93 6.39 16.20 -13.96
C ALA A 93 4.95 16.20 -13.47
N ALA A 94 4.34 17.36 -13.30
CA ALA A 94 2.94 17.39 -12.91
C ALA A 94 2.00 17.17 -14.08
N ASN A 95 2.52 16.95 -15.28
CA ASN A 95 1.71 16.74 -16.46
C ASN A 95 1.69 15.29 -16.92
N TYR A 96 2.41 14.40 -16.25
CA TYR A 96 2.60 13.08 -16.77
C TYR A 96 2.37 12.06 -15.66
N ASP A 97 2.30 10.80 -16.07
CA ASP A 97 2.10 9.70 -15.13
C ASP A 97 3.28 8.77 -15.02
N MET A 98 4.07 8.60 -16.05
CA MET A 98 5.21 7.70 -16.02
C MET A 98 6.46 8.52 -16.21
N TYR A 99 7.57 8.06 -15.64
CA TYR A 99 8.85 8.73 -15.84
C TYR A 99 9.94 7.69 -15.96
N ARG A 100 11.13 8.16 -16.31
CA ARG A 100 12.28 7.28 -16.44
C ARG A 100 13.54 8.11 -16.32
N LEU A 101 14.35 7.83 -15.32
CA LEU A 101 15.58 8.56 -15.09
C LEU A 101 16.69 8.00 -15.97
N LYS A 102 17.53 8.89 -16.49
CA LYS A 102 18.61 8.45 -17.36
C LYS A 102 20.00 8.73 -16.79
N LYS A 103 20.26 9.96 -16.36
CA LYS A 103 21.52 10.27 -15.72
C LYS A 103 21.23 10.82 -14.34
N LEU A 104 22.02 10.40 -13.37
CA LEU A 104 21.85 10.86 -12.00
C LEU A 104 23.23 11.12 -11.42
N THR A 105 23.53 12.37 -11.10
CA THR A 105 24.75 12.68 -10.38
C THR A 105 24.47 13.62 -9.22
N LEU A 106 25.27 13.46 -8.18
CA LEU A 106 25.55 14.42 -7.12
C LEU A 106 26.70 15.28 -7.63
N ARG A 107 27.60 15.74 -6.74
CA ARG A 107 28.26 17.06 -6.60
C ARG A 107 27.74 17.98 -5.51
N TYR A 108 27.80 17.51 -4.27
CA TYR A 108 28.09 18.40 -3.14
C TYR A 108 29.18 19.42 -3.45
N VAL A 109 28.94 20.68 -3.12
CA VAL A 109 29.88 21.78 -3.33
C VAL A 109 29.99 22.56 -2.03
N PRO A 110 31.20 22.77 -1.50
CA PRO A 110 31.33 23.44 -0.21
C PRO A 110 31.13 24.94 -0.32
N LEU A 111 30.98 25.57 0.84
CA LEU A 111 30.88 27.01 0.94
C LEU A 111 31.72 27.58 2.06
N VAL A 112 32.44 26.75 2.80
CA VAL A 112 33.02 27.16 4.05
C VAL A 112 34.53 27.23 3.88
N THR A 113 35.17 28.01 4.76
CA THR A 113 36.62 28.08 4.76
C THR A 113 37.21 26.76 5.25
N VAL A 114 38.48 26.56 4.92
CA VAL A 114 39.17 25.33 5.32
C VAL A 114 39.72 25.62 6.72
N GLN A 115 38.81 25.61 7.68
CA GLN A 115 39.15 25.69 9.09
C GLN A 115 38.26 24.79 9.92
N ASN A 116 37.17 24.28 9.37
CA ASN A 116 36.19 23.50 10.11
C ASN A 116 36.31 22.05 9.72
N SER A 117 36.64 21.20 10.68
CA SER A 117 36.60 19.78 10.44
C SER A 117 35.16 19.31 10.36
N GLY A 118 34.96 18.14 9.79
CA GLY A 118 33.63 17.61 9.59
C GLY A 118 33.66 16.57 8.49
N ARG A 119 32.50 15.97 8.24
CA ARG A 119 32.42 14.97 7.19
C ARG A 119 31.00 14.88 6.67
N VAL A 120 30.86 14.94 5.36
CA VAL A 120 29.58 14.90 4.67
C VAL A 120 29.55 13.66 3.81
N ALA A 121 28.47 12.90 3.87
CA ALA A 121 28.33 11.68 3.08
C ALA A 121 27.07 11.76 2.26
N MET A 122 27.09 11.12 1.08
CA MET A 122 25.94 11.10 0.20
C MET A 122 25.65 9.65 -0.17
N ILE A 123 24.37 9.27 -0.10
CA ILE A 123 23.94 7.89 -0.04
C ILE A 123 22.78 7.69 -1.00
N TRP A 124 22.77 6.59 -1.74
CA TRP A 124 21.63 6.22 -2.56
C TRP A 124 21.16 4.81 -2.22
N ASP A 125 20.05 4.70 -1.48
CA ASP A 125 19.37 3.43 -1.39
C ASP A 125 18.65 3.08 -2.67
N PRO A 126 18.54 1.81 -2.98
CA PRO A 126 17.60 1.40 -4.03
C PRO A 126 16.20 1.21 -3.46
N ASP A 127 16.11 0.94 -2.16
CA ASP A 127 14.83 1.04 -1.48
C ASP A 127 14.43 2.49 -1.33
N SER A 128 13.16 2.70 -1.02
CA SER A 128 12.69 4.00 -0.58
C SER A 128 12.01 3.91 0.76
N GLN A 129 12.14 2.78 1.45
CA GLN A 129 11.52 2.59 2.75
C GLN A 129 12.47 2.02 3.78
N ASP A 130 13.77 1.94 3.48
CA ASP A 130 14.73 1.57 4.51
C ASP A 130 14.84 2.68 5.54
N SER A 131 15.29 2.31 6.73
CA SER A 131 15.42 3.27 7.82
C SER A 131 16.71 4.07 7.66
N ALA A 132 16.96 4.96 8.59
CA ALA A 132 18.13 5.81 8.54
C ALA A 132 19.39 5.03 8.91
N PRO A 133 20.54 5.48 8.45
CA PRO A 133 21.81 4.85 8.86
C PRO A 133 22.20 5.18 10.29
N GLN A 134 21.81 4.33 11.23
CA GLN A 134 21.97 4.58 12.66
C GLN A 134 23.40 4.80 13.12
N SER A 135 24.40 4.18 12.48
CA SER A 135 25.76 4.23 12.97
C SER A 135 26.71 4.62 11.84
N ARG A 136 28.00 4.69 12.16
CA ARG A 136 28.98 5.09 11.16
C ARG A 136 29.34 4.00 10.18
N GLN A 137 29.39 2.74 10.61
CA GLN A 137 29.76 1.64 9.74
C GLN A 137 28.73 1.39 8.65
N GLU A 138 27.51 1.84 8.86
CA GLU A 138 26.46 1.71 7.88
C GLU A 138 26.57 2.72 6.75
N ILE A 139 27.37 3.77 6.92
CA ILE A 139 27.39 4.85 5.95
C ILE A 139 28.01 4.40 4.64
N SER A 140 29.19 3.81 4.70
CA SER A 140 29.85 3.41 3.47
C SER A 140 29.33 2.10 2.91
N ALA A 141 28.42 1.43 3.61
CA ALA A 141 27.97 0.12 3.19
C ALA A 141 26.82 0.15 2.20
N TYR A 142 26.41 1.33 1.74
CA TYR A 142 25.37 1.40 0.74
C TYR A 142 25.94 1.11 -0.64
N SER A 143 25.07 1.06 -1.64
CA SER A 143 25.49 0.66 -2.98
C SER A 143 26.31 1.76 -3.64
N ARG A 144 25.83 2.99 -3.61
CA ARG A 144 26.55 4.14 -4.13
C ARG A 144 26.70 5.11 -2.98
N SER A 145 27.93 5.32 -2.54
CA SER A 145 28.18 6.19 -1.40
C SER A 145 29.52 6.87 -1.57
N VAL A 146 29.55 8.17 -1.35
CA VAL A 146 30.76 8.97 -1.39
C VAL A 146 30.77 9.84 -0.16
N SER A 147 31.85 9.80 0.60
CA SER A 147 31.96 10.55 1.84
C SER A 147 33.31 11.23 1.89
N THR A 148 33.30 12.57 1.91
CA THR A 148 34.54 13.30 2.13
C THR A 148 34.37 14.35 3.22
N ALA A 149 35.38 15.19 3.35
CA ALA A 149 35.39 16.25 4.34
C ALA A 149 34.47 17.37 3.91
N VAL A 150 34.26 18.30 4.83
CA VAL A 150 33.34 19.40 4.62
C VAL A 150 33.88 20.39 3.62
N TYR A 151 35.16 20.70 3.71
CA TYR A 151 35.79 21.75 2.94
C TYR A 151 36.20 21.33 1.55
N GLU A 152 35.70 20.23 1.00
CA GLU A 152 36.24 19.75 -0.27
C GLU A 152 35.16 19.04 -1.05
N LYS A 153 35.16 19.23 -2.37
CA LYS A 153 34.02 18.86 -3.19
C LYS A 153 34.00 17.38 -3.52
N CYS A 154 32.85 16.91 -4.02
CA CYS A 154 32.64 15.49 -4.28
C CYS A 154 31.92 15.29 -5.59
N SER A 155 31.60 14.02 -5.90
CA SER A 155 30.70 13.66 -6.97
C SER A 155 30.28 12.21 -6.76
N LEU A 156 29.08 11.88 -7.21
CA LEU A 156 28.59 10.52 -7.10
C LEU A 156 27.65 10.27 -8.26
N THR A 157 27.87 9.21 -9.01
CA THR A 157 26.99 8.84 -10.10
C THR A 157 26.15 7.65 -9.70
N ILE A 158 24.90 7.65 -10.12
CA ILE A 158 23.96 6.56 -9.84
C ILE A 158 23.65 5.87 -11.16
N PRO A 159 23.79 4.55 -11.25
CA PRO A 159 23.40 3.85 -12.47
C PRO A 159 21.88 3.78 -12.58
N ALA A 160 21.37 4.07 -13.77
CA ALA A 160 19.94 4.18 -13.99
C ALA A 160 19.39 2.91 -14.63
N ASP A 161 18.09 2.68 -14.42
CA ASP A 161 17.39 1.56 -14.99
C ASP A 161 16.78 1.96 -16.33
N ASN A 162 15.88 1.13 -16.83
CA ASN A 162 15.12 1.44 -18.03
C ASN A 162 13.63 1.24 -17.83
N GLN A 163 13.18 1.13 -16.59
CA GLN A 163 11.77 0.86 -16.34
C GLN A 163 11.01 2.15 -16.18
N TRP A 164 9.71 2.08 -16.44
CA TRP A 164 8.82 3.22 -16.27
C TRP A 164 8.10 3.05 -14.94
N ARG A 165 8.15 4.09 -14.12
CA ARG A 165 7.53 4.05 -12.81
C ARG A 165 6.52 5.20 -12.71
N PHE A 166 5.54 5.01 -11.84
CA PHE A 166 4.50 6.02 -11.70
C PHE A 166 5.03 7.23 -10.97
N VAL A 167 4.41 8.37 -11.25
CA VAL A 167 4.67 9.62 -10.56
C VAL A 167 3.71 9.70 -9.40
N ALA A 168 4.19 10.19 -8.25
CA ALA A 168 3.41 10.22 -7.02
C ALA A 168 2.16 11.10 -7.13
N ASP A 169 0.99 10.48 -7.04
CA ASP A 169 -0.28 11.18 -7.14
C ASP A 169 -1.13 10.88 -5.92
N ASN A 170 -0.98 11.75 -4.93
CA ASN A 170 -1.89 12.05 -3.82
C ASN A 170 -1.97 10.98 -2.75
N THR A 171 -1.59 9.74 -3.06
CA THR A 171 -1.52 8.61 -2.13
C THR A 171 -0.79 7.44 -2.75
N THR A 172 0.29 7.01 -2.10
CA THR A 172 0.78 5.65 -2.19
C THR A 172 1.10 5.18 -0.78
N VAL A 173 1.10 3.88 -0.59
CA VAL A 173 1.51 3.29 0.68
C VAL A 173 2.82 2.55 0.53
N ASP A 174 2.93 1.69 -0.47
CA ASP A 174 4.21 1.09 -0.83
C ASP A 174 4.91 2.02 -1.80
N ARG A 175 5.61 3.01 -1.26
CA ARG A 175 6.53 3.83 -2.04
C ARG A 175 7.67 3.01 -2.62
N LYS A 176 7.95 1.85 -2.02
CA LYS A 176 9.04 0.96 -2.37
C LYS A 176 9.02 0.53 -3.82
N LEU A 177 7.86 0.53 -4.45
CA LEU A 177 7.71 0.10 -5.84
C LEU A 177 7.51 1.27 -6.79
N VAL A 178 7.32 2.47 -6.27
CA VAL A 178 7.03 3.62 -7.11
C VAL A 178 8.24 4.52 -7.27
N ASP A 179 8.96 4.79 -6.19
CA ASP A 179 10.13 5.65 -6.24
C ASP A 179 11.29 4.90 -6.90
N PHE A 180 12.33 5.66 -7.21
CA PHE A 180 13.55 5.02 -7.69
C PHE A 180 14.54 4.79 -6.56
N GLY A 181 14.28 5.35 -5.40
CA GLY A 181 15.16 5.16 -4.26
C GLY A 181 15.19 6.41 -3.42
N GLN A 182 15.95 6.33 -2.35
CA GLN A 182 16.15 7.47 -1.47
C GLN A 182 17.43 8.19 -1.82
N LEU A 183 17.61 9.33 -1.18
CA LEU A 183 18.91 9.96 -1.05
C LEU A 183 19.04 10.35 0.41
N LEU A 184 20.17 10.01 1.01
CA LEU A 184 20.41 10.28 2.41
C LEU A 184 21.69 11.08 2.52
N PHE A 185 21.75 11.99 3.49
CA PHE A 185 22.87 12.92 3.57
C PHE A 185 23.34 13.04 5.02
N VAL A 186 24.33 12.24 5.37
CA VAL A 186 24.77 12.10 6.74
C VAL A 186 25.92 13.05 6.99
N THR A 187 25.90 13.74 8.13
CA THR A 187 27.03 14.50 8.65
C THR A 187 27.26 14.09 10.08
N HIS A 188 28.52 13.80 10.45
CA HIS A 188 28.72 13.18 11.74
C HIS A 188 29.92 13.61 12.56
N SER A 189 30.62 14.70 12.21
CA SER A 189 31.60 15.18 13.18
C SER A 189 31.61 16.69 13.22
N GLY A 190 32.54 17.28 13.97
CA GLY A 190 32.21 18.55 14.56
C GLY A 190 32.37 19.77 13.67
N SER A 191 31.27 20.12 13.03
CA SER A 191 31.12 21.40 12.36
C SER A 191 29.72 21.91 12.66
N ASP A 192 29.38 21.99 13.97
CA ASP A 192 28.05 22.29 14.50
C ASP A 192 27.50 23.58 13.91
N GLY A 193 26.19 23.79 14.00
CA GLY A 193 25.42 24.16 12.82
C GLY A 193 25.75 25.43 12.08
N ILE A 194 26.90 25.40 11.42
CA ILE A 194 27.32 26.36 10.42
C ILE A 194 26.93 25.81 9.06
N GLU A 195 26.49 26.69 8.15
CA GLU A 195 26.31 26.32 6.75
C GLU A 195 27.64 25.84 6.18
N THR A 196 27.66 24.60 5.72
CA THR A 196 28.90 24.05 5.18
C THR A 196 28.96 24.12 3.67
N GLY A 197 27.97 23.56 3.01
CA GLY A 197 27.94 23.57 1.57
C GLY A 197 26.55 23.27 1.09
N ASP A 198 26.46 22.88 -0.17
CA ASP A 198 25.17 22.56 -0.74
C ASP A 198 25.33 21.51 -1.82
N ILE A 199 24.25 20.80 -2.10
CA ILE A 199 24.29 19.58 -2.90
C ILE A 199 23.42 19.78 -4.12
N PHE A 200 24.00 19.56 -5.30
CA PHE A 200 23.28 19.69 -6.55
C PHE A 200 23.02 18.31 -7.13
N LEU A 201 22.20 18.29 -8.18
CA LEU A 201 21.67 17.05 -8.70
C LEU A 201 21.36 17.26 -10.17
N ASP A 202 21.73 16.28 -11.00
CA ASP A 202 21.63 16.40 -12.45
C ASP A 202 20.75 15.29 -12.99
N CYS A 203 19.97 15.59 -14.02
CA CYS A 203 19.02 14.62 -14.53
C CYS A 203 18.85 14.71 -16.02
N GLU A 204 18.58 13.56 -16.62
CA GLU A 204 17.91 13.47 -17.91
C GLU A 204 16.66 12.66 -17.63
N VAL A 205 15.51 13.31 -17.67
CA VAL A 205 14.25 12.67 -17.35
C VAL A 205 13.38 12.68 -18.60
N GLU A 206 12.83 11.53 -18.95
CA GLU A 206 11.81 11.51 -19.98
C GLU A 206 10.53 10.97 -19.37
N PHE A 207 9.41 11.43 -19.91
CA PHE A 207 8.09 11.11 -19.38
C PHE A 207 7.28 10.37 -20.43
N LYS A 208 6.44 9.45 -19.99
CA LYS A 208 5.50 8.82 -20.89
C LYS A 208 4.15 9.47 -20.62
N GLY A 209 3.07 8.90 -21.19
CA GLY A 209 1.83 9.56 -21.53
C GLY A 209 1.24 10.60 -20.61
N PRO A 210 0.70 11.66 -21.20
CA PRO A 210 0.36 12.86 -20.42
C PRO A 210 -0.87 12.72 -19.56
N GLN A 211 -1.24 13.83 -18.96
CA GLN A 211 -2.19 13.93 -17.86
C GLN A 211 -2.47 15.41 -17.71
N PRO A 212 -3.61 15.83 -17.16
CA PRO A 212 -3.72 17.22 -16.74
C PRO A 212 -2.86 17.49 -15.52
N THR A 213 -2.65 18.79 -15.25
CA THR A 213 -1.85 19.25 -14.12
C THR A 213 -2.47 18.79 -12.82
N ALA A 214 -1.66 18.58 -11.79
CA ALA A 214 -2.23 17.92 -10.64
C ALA A 214 -2.42 18.90 -9.50
N SER A 215 -1.33 19.47 -9.02
CA SER A 215 -1.40 20.34 -7.85
C SER A 215 -0.11 21.13 -7.68
N ILE A 216 -0.16 22.44 -7.78
CA ILE A 216 1.01 23.23 -7.44
C ILE A 216 0.89 23.58 -5.97
N VAL A 217 -0.35 23.59 -5.47
CA VAL A 217 -0.62 24.15 -4.16
C VAL A 217 -0.88 23.05 -3.14
N GLN A 218 -0.34 23.21 -1.93
CA GLN A 218 -0.67 22.36 -0.80
C GLN A 218 -1.96 22.80 -0.11
N LYS A 219 -2.58 21.88 0.59
CA LYS A 219 -3.50 22.22 1.67
C LYS A 219 -3.14 21.38 2.88
N THR A 220 -2.71 22.04 3.95
CA THR A 220 -2.36 21.33 5.17
C THR A 220 -3.16 21.89 6.33
N VAL A 221 -3.61 21.00 7.21
CA VAL A 221 -4.48 21.35 8.33
C VAL A 221 -3.85 20.84 9.61
N ILE A 222 -3.79 21.68 10.63
CA ILE A 222 -3.31 21.31 11.95
C ILE A 222 -4.44 21.47 12.94
N ASP A 223 -4.61 20.48 13.82
CA ASP A 223 -5.48 20.62 14.98
C ASP A 223 -4.64 20.58 16.24
N LEU A 224 -5.26 20.92 17.37
CA LEU A 224 -4.56 20.89 18.66
C LEU A 224 -4.16 19.49 19.03
N GLY A 225 -2.87 19.30 19.27
CA GLY A 225 -2.32 18.00 19.56
C GLY A 225 -1.90 17.21 18.33
N GLY A 226 -2.53 17.48 17.19
CA GLY A 226 -2.21 16.78 15.97
C GLY A 226 -0.98 17.33 15.29
N THR A 227 -0.77 16.86 14.06
CA THR A 227 0.37 17.31 13.27
C THR A 227 -0.11 17.82 11.91
N LEU A 228 0.83 18.11 11.02
CA LEU A 228 0.48 18.47 9.65
C LEU A 228 -0.06 17.26 8.92
N THR A 229 -1.25 17.40 8.35
CA THR A 229 -1.79 16.41 7.43
C THR A 229 -2.07 17.12 6.12
N SER A 230 -1.37 16.71 5.07
CA SER A 230 -1.55 17.37 3.80
C SER A 230 -2.75 16.80 3.06
N PHE A 231 -3.35 17.62 2.22
CA PHE A 231 -4.46 17.21 1.37
C PHE A 231 -4.22 17.81 0.01
N GLU A 232 -3.94 16.96 -0.98
CA GLU A 232 -3.92 17.31 -2.40
C GLU A 232 -2.88 18.39 -2.69
N GLY A 233 -1.61 18.01 -2.60
CA GLY A 233 -0.56 18.89 -3.00
C GLY A 233 0.76 18.16 -3.10
N PRO A 234 1.81 18.90 -3.40
CA PRO A 234 3.16 18.35 -3.20
C PRO A 234 3.57 18.50 -1.74
N SER A 235 4.86 18.62 -1.51
CA SER A 235 5.42 18.83 -0.17
C SER A 235 6.86 19.26 -0.34
N TYR A 236 7.28 20.51 -0.08
CA TYR A 236 6.74 21.83 0.39
C TYR A 236 6.36 22.02 1.84
N LEU A 237 6.03 21.00 2.62
CA LEU A 237 6.14 21.19 4.05
C LEU A 237 6.84 20.06 4.75
N MET A 238 6.26 18.87 4.63
CA MET A 238 6.40 17.81 5.61
C MET A 238 6.32 18.37 7.01
N PRO A 239 4.96 15.76 7.89
CA PRO A 239 4.32 16.31 9.09
C PRO A 239 5.17 17.13 10.11
N PRO A 240 6.38 16.68 10.59
CA PRO A 240 6.97 17.31 11.78
C PRO A 240 7.70 18.62 11.52
N ASP A 241 7.05 19.55 10.85
CA ASP A 241 7.64 20.86 10.56
C ASP A 241 6.73 22.02 10.93
N ALA A 242 5.74 21.80 11.79
CA ALA A 242 4.93 22.88 12.31
C ALA A 242 4.49 22.54 13.71
N PHE A 243 4.28 23.56 14.53
CA PHE A 243 3.84 23.37 15.89
C PHE A 243 2.78 24.40 16.21
N ILE A 244 1.76 24.00 16.95
CA ILE A 244 0.79 24.96 17.46
C ILE A 244 0.69 24.80 18.97
N THR A 245 0.29 25.88 19.62
CA THR A 245 -0.02 25.86 21.04
C THR A 245 -1.43 26.38 21.22
N SER A 246 -1.81 26.68 22.46
CA SER A 246 -3.07 27.36 22.67
C SER A 246 -3.06 28.81 22.22
N SER A 247 -1.88 29.38 21.99
CA SER A 247 -1.80 30.80 21.66
C SER A 247 -0.85 31.14 20.54
N SER A 248 -0.05 30.20 20.03
CA SER A 248 0.99 30.53 19.06
C SER A 248 0.95 29.55 17.90
N PHE A 249 1.84 29.78 16.94
CA PHE A 249 1.90 29.01 15.70
C PHE A 249 3.25 29.21 15.04
N GLY A 250 3.79 28.15 14.45
CA GLY A 250 5.07 28.27 13.77
C GLY A 250 5.25 27.30 12.62
N LEU A 251 6.04 27.69 11.61
CA LEU A 251 6.35 26.84 10.47
C LEU A 251 7.86 26.86 10.25
N PHE A 252 8.45 25.68 10.13
CA PHE A 252 9.81 25.54 9.67
C PHE A 252 9.79 25.13 8.20
N VAL A 253 10.28 26.00 7.33
CA VAL A 253 10.35 25.71 5.89
C VAL A 253 11.80 25.49 5.53
N ASP A 254 12.14 24.29 5.10
CA ASP A 254 13.48 24.01 4.60
C ASP A 254 13.33 23.38 3.22
N VAL A 255 13.04 24.21 2.22
CA VAL A 255 13.04 23.79 0.82
C VAL A 255 13.77 24.79 -0.07
N ALA A 256 13.95 26.03 0.39
CA ALA A 256 14.62 27.14 -0.30
C ALA A 256 13.92 27.50 -1.61
N GLY A 257 12.72 28.05 -1.45
CA GLY A 257 12.05 28.75 -2.53
C GLY A 257 11.45 30.05 -2.05
N THR A 258 10.62 30.68 -2.88
CA THR A 258 9.94 31.92 -2.51
C THR A 258 8.44 31.64 -2.60
N TYR A 259 7.75 31.71 -1.47
CA TYR A 259 6.43 31.11 -1.38
C TYR A 259 5.35 32.15 -1.17
N LEU A 260 4.11 31.71 -1.24
CA LEU A 260 2.93 32.51 -0.94
C LEU A 260 2.05 31.71 -0.01
N LEU A 261 1.88 32.19 1.22
CA LEU A 261 1.03 31.54 2.19
C LEU A 261 -0.36 32.14 2.16
N THR A 262 -1.33 31.37 2.62
CA THR A 262 -2.61 31.92 3.07
C THR A 262 -2.89 31.30 4.43
N LEU A 263 -2.60 32.03 5.49
CA LEU A 263 -2.97 31.59 6.83
C LEU A 263 -4.47 31.74 7.01
N VAL A 264 -5.14 30.67 7.37
CA VAL A 264 -6.55 30.70 7.76
C VAL A 264 -6.59 30.06 9.14
N VAL A 265 -6.64 30.88 10.18
CA VAL A 265 -6.48 30.39 11.54
C VAL A 265 -7.72 30.76 12.33
N THR A 266 -8.40 29.75 12.86
CA THR A 266 -9.57 29.98 13.71
C THR A 266 -9.11 30.45 15.08
N CYS A 267 -9.30 31.73 15.36
CA CYS A 267 -8.82 32.36 16.57
C CYS A 267 -9.99 32.89 17.40
N SER A 268 -9.65 33.65 18.41
CA SER A 268 -10.58 34.51 19.14
C SER A 268 -10.10 35.94 19.19
N THR A 269 -8.79 36.17 19.22
CA THR A 269 -8.20 37.51 19.16
C THR A 269 -7.20 37.56 18.01
N THR A 270 -6.77 38.77 17.69
CA THR A 270 -5.84 38.98 16.59
C THR A 270 -4.43 38.60 17.00
N GLY A 271 -3.52 38.64 16.04
CA GLY A 271 -2.13 38.33 16.31
C GLY A 271 -1.21 38.71 15.17
N SER A 272 -0.06 39.29 15.49
CA SER A 272 0.88 39.68 14.46
C SER A 272 1.62 38.47 13.93
N VAL A 273 2.21 38.64 12.75
CA VAL A 273 2.95 37.58 12.09
C VAL A 273 4.36 38.07 11.80
N THR A 274 5.35 37.37 12.31
CA THR A 274 6.75 37.65 12.01
C THR A 274 7.30 36.59 11.08
N VAL A 275 8.39 36.93 10.42
CA VAL A 275 9.11 36.01 9.54
C VAL A 275 10.50 35.82 10.12
N GLY A 276 10.87 34.57 10.38
CA GLY A 276 11.95 34.24 11.27
C GLY A 276 13.36 34.35 10.74
N GLY A 277 14.21 33.40 11.09
CA GLY A 277 15.62 33.50 10.79
C GLY A 277 16.02 32.79 9.53
N ASN A 278 15.26 31.77 9.15
CA ASN A 278 15.51 31.08 7.88
C ASN A 278 15.17 31.97 6.71
N SER A 279 14.10 32.75 6.83
CA SER A 279 13.48 33.41 5.71
C SER A 279 13.28 34.89 6.02
N THR A 280 13.04 35.67 4.97
CA THR A 280 12.76 37.09 5.10
C THR A 280 11.49 37.44 4.36
N LEU A 281 10.85 38.51 4.80
CA LEU A 281 9.71 39.05 4.08
C LEU A 281 10.12 39.69 2.77
N VAL A 282 9.12 39.95 1.94
CA VAL A 282 9.09 41.12 1.08
C VAL A 282 7.97 41.98 1.63
N GLY A 283 8.30 43.20 2.03
CA GLY A 283 7.60 43.88 3.12
C GLY A 283 6.16 44.28 2.90
N ASP A 284 5.31 43.30 2.62
CA ASP A 284 3.95 43.54 2.18
C ASP A 284 2.98 42.55 2.80
N GLY A 285 3.24 42.08 4.01
CA GLY A 285 2.45 41.03 4.60
C GLY A 285 1.08 41.49 5.08
N ARG A 286 0.18 41.75 4.14
CA ARG A 286 -1.14 42.29 4.49
C ARG A 286 -2.03 41.19 5.05
N ALA A 287 -2.55 41.43 6.26
CA ALA A 287 -3.43 40.50 6.94
C ALA A 287 -4.70 41.21 7.35
N ALA A 288 -5.63 40.45 7.91
CA ALA A 288 -6.91 41.01 8.33
C ALA A 288 -7.54 40.11 9.37
N TYR A 289 -8.42 40.71 10.16
CA TYR A 289 -9.29 40.00 11.08
C TYR A 289 -10.73 40.30 10.66
N GLY A 290 -11.69 39.78 11.42
CA GLY A 290 -13.06 39.66 10.96
C GLY A 290 -13.83 38.84 11.97
N SER A 291 -14.43 37.74 11.53
CA SER A 291 -15.05 36.79 12.43
C SER A 291 -13.99 35.95 13.14
N SER A 292 -14.37 34.80 13.67
CA SER A 292 -13.44 33.95 14.42
C SER A 292 -12.25 33.47 13.60
N ASN A 293 -12.32 33.54 12.26
CA ASN A 293 -11.15 33.29 11.44
C ASN A 293 -10.16 34.43 11.53
N TYR A 294 -8.89 34.11 11.28
CA TYR A 294 -7.85 35.10 11.05
C TYR A 294 -7.21 34.78 9.72
N ILE A 295 -7.17 35.76 8.83
CA ILE A 295 -6.78 35.56 7.44
C ILE A 295 -5.54 36.41 7.15
N ALA A 296 -4.50 35.78 6.66
CA ALA A 296 -3.27 36.47 6.28
C ALA A 296 -2.79 35.91 4.95
N SER A 297 -1.93 36.67 4.29
CA SER A 297 -1.33 36.25 3.03
C SER A 297 0.03 36.89 2.90
N ILE A 298 1.06 36.06 2.86
CA ILE A 298 2.45 36.49 3.04
C ILE A 298 3.24 36.02 1.83
N VAL A 299 4.17 36.83 1.37
CA VAL A 299 5.15 36.40 0.39
C VAL A 299 6.52 36.46 1.05
N PHE A 300 7.20 35.33 1.17
CA PHE A 300 8.50 35.29 1.81
C PHE A 300 9.42 34.41 1.00
N THR A 301 10.72 34.62 1.17
CA THR A 301 11.76 33.84 0.50
C THR A 301 12.61 33.17 1.55
N SER A 302 12.77 31.86 1.46
CA SER A 302 13.54 31.12 2.45
C SER A 302 14.85 30.64 1.87
N SER A 303 15.88 30.61 2.70
CA SER A 303 17.18 30.13 2.28
C SER A 303 17.30 28.61 2.39
N GLY A 304 16.34 27.95 3.01
CA GLY A 304 16.39 26.50 3.15
C GLY A 304 17.47 26.01 4.06
N VAL A 305 17.76 26.73 5.13
CA VAL A 305 18.82 26.41 6.07
C VAL A 305 18.17 26.15 7.41
N LEU A 306 18.72 25.21 8.19
CA LEU A 306 18.27 25.01 9.56
C LEU A 306 18.47 26.28 10.38
N SER A 307 17.53 26.52 11.27
CA SER A 307 17.67 27.52 12.31
C SER A 307 16.77 27.11 13.45
N THR A 308 17.15 27.49 14.67
CA THR A 308 16.29 27.19 15.81
C THR A 308 15.33 28.34 16.11
N THR A 309 14.69 28.83 15.05
CA THR A 309 13.63 29.81 15.10
C THR A 309 12.68 29.38 14.00
N PRO A 310 11.37 29.48 14.23
CA PRO A 310 10.43 29.17 13.15
C PRO A 310 10.52 30.20 12.05
N SER A 311 10.47 29.72 10.81
CA SER A 311 10.64 30.61 9.66
C SER A 311 9.44 31.54 9.51
N VAL A 312 8.23 31.03 9.72
CA VAL A 312 7.04 31.84 9.76
C VAL A 312 6.34 31.56 11.09
N GLN A 313 6.18 32.59 11.91
CA GLN A 313 5.66 32.43 13.25
C GLN A 313 4.47 33.34 13.45
N PHE A 314 3.44 32.80 14.09
CA PHE A 314 2.21 33.53 14.40
C PHE A 314 1.93 33.40 15.88
N SER A 315 2.08 34.50 16.62
CA SER A 315 1.88 34.49 18.06
C SER A 315 1.07 35.71 18.47
N GLY A 316 0.69 35.72 19.74
CA GLY A 316 0.00 36.84 20.33
C GLY A 316 -1.48 36.64 20.54
N SER A 317 -2.09 35.68 19.86
CA SER A 317 -3.53 35.50 19.92
C SER A 317 -3.89 34.55 21.06
N SER A 318 -5.12 34.07 21.07
CA SER A 318 -5.57 33.11 22.05
C SER A 318 -6.52 32.12 21.40
N GLY A 319 -6.49 30.89 21.90
CA GLY A 319 -7.37 29.78 21.50
C GLY A 319 -7.24 29.45 20.01
N VAL A 320 -6.01 29.18 19.58
CA VAL A 320 -5.82 28.65 18.25
C VAL A 320 -6.26 27.20 18.20
N SER A 321 -7.15 26.88 17.25
CA SER A 321 -7.67 25.52 17.14
C SER A 321 -7.32 24.87 15.81
N ARG A 322 -7.58 25.52 14.69
CA ARG A 322 -7.18 25.04 13.38
C ARG A 322 -6.31 26.06 12.68
N VAL A 323 -5.37 25.56 11.89
CA VAL A 323 -4.61 26.38 10.95
C VAL A 323 -4.65 25.67 9.60
N GLN A 324 -5.07 26.39 8.56
CA GLN A 324 -5.09 25.84 7.22
C GLN A 324 -4.14 26.63 6.34
N MET A 325 -3.47 25.93 5.42
CA MET A 325 -2.41 26.54 4.62
C MET A 325 -2.65 26.33 3.14
N ASN A 326 -2.03 27.20 2.34
CA ASN A 326 -1.89 27.01 0.90
C ASN A 326 -0.56 27.62 0.52
N ILE A 327 0.33 26.83 -0.09
CA ILE A 327 1.67 27.29 -0.46
C ILE A 327 1.82 27.17 -1.97
N CYS A 328 2.38 28.19 -2.60
CA CYS A 328 2.29 28.26 -4.06
C CYS A 328 3.60 28.39 -4.81
N ARG A 329 4.72 28.78 -4.18
CA ARG A 329 5.99 29.09 -4.84
C ARG A 329 5.81 30.19 -5.90
N CYS A 330 5.60 31.40 -5.37
CA CYS A 330 5.59 32.61 -6.19
C CYS A 330 6.97 33.16 -6.48
N LYS A 331 7.02 34.40 -6.92
CA LYS A 331 8.27 35.12 -7.12
C LYS A 331 8.19 36.44 -6.36
N GLN A 332 9.10 37.35 -6.67
CA GLN A 332 9.27 38.62 -5.97
C GLN A 332 8.35 39.67 -6.60
N GLY A 333 7.27 39.19 -7.17
CA GLY A 333 6.20 39.90 -7.82
C GLY A 333 5.08 40.04 -6.83
N ASN A 334 4.33 38.95 -6.69
CA ASN A 334 2.97 38.86 -6.17
C ASN A 334 2.66 39.43 -4.78
N THR A 335 3.62 40.08 -4.14
CA THR A 335 3.38 40.83 -2.92
C THR A 335 2.32 41.90 -3.12
N PHE A 336 1.63 42.26 -2.04
CA PHE A 336 0.48 43.14 -2.12
C PHE A 336 0.90 44.57 -1.84
N ILE A 337 0.67 45.46 -2.81
CA ILE A 337 1.02 46.86 -2.65
C ILE A 337 0.13 47.49 -1.59
N LEU A 338 0.74 48.20 -0.64
CA LEU A 338 -0.01 48.96 0.35
C LEU A 338 -0.78 50.12 -0.28
N ARG B 48 28.58 -19.90 -13.62
CA ARG B 48 27.44 -20.60 -13.06
C ARG B 48 27.30 -20.31 -11.57
N GLY B 49 26.10 -20.51 -11.05
CA GLY B 49 25.82 -20.25 -9.65
C GLY B 49 26.27 -21.38 -8.75
N ILE B 50 25.80 -21.32 -7.51
CA ILE B 50 26.10 -22.32 -6.50
C ILE B 50 24.79 -22.78 -5.88
N LEU B 51 24.53 -24.08 -5.93
CA LEU B 51 23.33 -24.63 -5.31
C LEU B 51 23.40 -24.54 -3.79
N HIS B 52 22.24 -24.56 -3.17
CA HIS B 52 22.13 -24.53 -1.71
C HIS B 52 20.98 -25.43 -1.30
N THR B 53 21.29 -26.61 -0.80
CA THR B 53 20.25 -27.45 -0.24
C THR B 53 19.93 -26.94 1.15
N GLN B 54 18.65 -26.70 1.42
CA GLN B 54 18.26 -26.12 2.69
C GLN B 54 17.03 -26.80 3.26
N LEU B 55 17.06 -27.01 4.57
CA LEU B 55 15.96 -27.64 5.28
C LEU B 55 14.84 -26.65 5.51
N VAL B 56 13.62 -27.07 5.26
CA VAL B 56 12.45 -26.22 5.34
C VAL B 56 11.52 -26.62 6.47
N MET B 57 11.00 -27.85 6.44
CA MET B 57 10.17 -28.34 7.51
C MET B 57 10.62 -29.72 7.94
N SER B 58 10.19 -30.10 9.13
CA SER B 58 10.03 -31.49 9.48
C SER B 58 8.54 -31.76 9.41
N VAL B 59 8.12 -32.56 8.44
CA VAL B 59 6.70 -32.74 8.17
C VAL B 59 6.11 -33.67 9.21
N VAL B 60 5.15 -33.16 9.97
CA VAL B 60 4.40 -33.94 10.93
C VAL B 60 3.05 -34.27 10.32
N GLY B 61 2.69 -35.55 10.31
CA GLY B 61 1.44 -35.98 9.73
C GLY B 61 0.25 -35.50 10.52
N SER B 62 -0.93 -35.72 9.95
CA SER B 62 -2.14 -35.29 10.62
C SER B 62 -3.28 -36.20 10.22
N VAL B 63 -4.28 -36.27 11.08
CA VAL B 63 -5.43 -37.10 10.77
C VAL B 63 -6.42 -36.32 9.94
N GLN B 64 -6.79 -35.13 10.40
CA GLN B 64 -7.98 -34.48 9.84
C GLN B 64 -7.65 -33.77 8.53
N MET B 65 -6.96 -32.63 8.63
CA MET B 65 -6.59 -31.75 7.53
C MET B 65 -5.72 -30.65 8.08
N ARG B 66 -4.56 -30.40 7.47
CA ARG B 66 -3.71 -29.38 8.06
C ARG B 66 -2.83 -28.76 7.00
N THR B 67 -2.70 -27.44 7.06
CA THR B 67 -1.84 -26.63 6.20
C THR B 67 -0.41 -26.70 6.72
N ASN B 68 0.39 -25.69 6.37
CA ASN B 68 1.68 -25.49 7.02
C ASN B 68 1.51 -25.57 8.53
N ASN B 69 2.07 -26.63 9.09
CA ASN B 69 1.46 -27.42 10.16
C ASN B 69 0.80 -26.63 11.29
N GLY B 70 1.53 -25.84 12.04
CA GLY B 70 0.85 -25.14 13.10
C GLY B 70 0.59 -23.69 12.80
N LYS B 71 0.84 -23.28 11.57
CA LYS B 71 1.10 -21.88 11.27
C LYS B 71 0.20 -21.40 10.14
N SER B 72 0.17 -20.08 9.96
CA SER B 72 -0.75 -19.46 9.04
C SER B 72 -0.17 -19.46 7.63
N ASN B 73 -0.84 -18.76 6.73
CA ASN B 73 -0.36 -18.59 5.36
C ASN B 73 0.50 -17.33 5.27
N GLN B 74 1.52 -17.32 6.11
CA GLN B 74 2.46 -16.24 6.21
C GLN B 74 3.86 -16.77 6.30
N ARG B 75 4.01 -18.07 6.57
CA ARG B 75 5.29 -18.64 6.94
C ARG B 75 6.21 -18.76 5.74
N PHE B 76 5.76 -19.42 4.69
CA PHE B 76 6.65 -19.75 3.59
C PHE B 76 6.46 -18.77 2.43
N ARG B 77 6.89 -17.55 2.69
CA ARG B 77 6.98 -16.54 1.65
C ARG B 77 8.25 -16.76 0.86
N LEU B 78 8.18 -16.63 -0.46
CA LEU B 78 9.41 -16.72 -1.25
C LEU B 78 10.11 -15.37 -1.30
N ASN B 79 10.73 -15.04 -0.17
CA ASN B 79 11.78 -14.05 -0.07
C ASN B 79 12.98 -14.69 0.58
N PRO B 80 14.19 -14.29 0.18
CA PRO B 80 15.38 -14.73 0.92
C PRO B 80 15.48 -14.11 2.30
N SER B 81 14.66 -13.13 2.65
CA SER B 81 14.59 -12.64 4.02
C SER B 81 13.56 -13.42 4.83
N ASN B 82 13.66 -14.73 4.80
CA ASN B 82 12.73 -15.58 5.52
C ASN B 82 13.52 -16.74 6.09
N PRO B 83 13.62 -16.84 7.42
CA PRO B 83 14.46 -17.87 8.02
C PRO B 83 13.91 -19.27 7.84
N ALA B 84 12.63 -19.41 7.57
CA ALA B 84 12.05 -20.74 7.41
C ALA B 84 12.49 -21.37 6.11
N LEU B 85 12.28 -20.70 4.98
CA LEU B 85 12.70 -21.24 3.70
C LEU B 85 14.17 -21.04 3.44
N PHE B 86 14.84 -20.16 4.15
CA PHE B 86 16.23 -19.84 3.87
C PHE B 86 16.99 -19.74 5.18
N PRO B 87 17.34 -20.88 5.77
CA PRO B 87 18.06 -20.83 7.05
C PRO B 87 19.49 -20.37 6.92
N THR B 88 20.09 -20.50 5.74
CA THR B 88 21.47 -20.10 5.56
C THR B 88 21.63 -18.94 4.58
N LEU B 89 20.66 -18.70 3.72
CA LEU B 89 20.75 -17.55 2.83
C LEU B 89 20.17 -16.28 3.43
N ALA B 90 19.53 -16.38 4.60
CA ALA B 90 19.03 -15.16 5.23
C ALA B 90 20.17 -14.31 5.73
N TYR B 91 21.30 -14.92 6.06
CA TYR B 91 22.48 -14.13 6.42
C TYR B 91 23.05 -13.41 5.21
N GLU B 92 22.97 -14.01 4.04
CA GLU B 92 23.38 -13.25 2.86
C GLU B 92 22.32 -12.25 2.44
N ALA B 93 21.05 -12.53 2.74
CA ALA B 93 20.00 -11.63 2.30
C ALA B 93 19.94 -10.36 3.12
N ALA B 94 20.58 -10.33 4.28
CA ALA B 94 20.59 -9.10 5.05
C ALA B 94 21.48 -8.04 4.44
N ASN B 95 22.36 -8.41 3.54
CA ASN B 95 23.28 -7.46 2.94
C ASN B 95 22.75 -6.77 1.71
N TYR B 96 21.62 -7.22 1.17
CA TYR B 96 21.22 -6.79 -0.16
C TYR B 96 19.77 -6.34 -0.13
N ASP B 97 19.34 -5.74 -1.24
CA ASP B 97 17.96 -5.30 -1.37
C ASP B 97 17.25 -5.80 -2.60
N MET B 98 17.93 -6.47 -3.53
CA MET B 98 17.30 -7.02 -4.71
C MET B 98 17.74 -8.45 -4.85
N TYR B 99 16.83 -9.34 -5.24
CA TYR B 99 17.18 -10.71 -5.50
C TYR B 99 16.53 -11.17 -6.80
N ARG B 100 16.98 -12.32 -7.29
CA ARG B 100 16.37 -12.92 -8.46
C ARG B 100 16.65 -14.42 -8.41
N LEU B 101 15.59 -15.21 -8.41
CA LEU B 101 15.71 -16.65 -8.30
C LEU B 101 16.00 -17.26 -9.65
N LYS B 102 16.77 -18.34 -9.65
CA LYS B 102 17.11 -19.00 -10.91
C LYS B 102 16.62 -20.43 -10.98
N LYS B 103 16.89 -21.25 -9.97
CA LYS B 103 16.46 -22.63 -9.96
C LYS B 103 15.80 -22.94 -8.63
N LEU B 104 14.67 -23.64 -8.67
CA LEU B 104 13.91 -23.94 -7.47
C LEU B 104 13.41 -25.36 -7.57
N THR B 105 13.81 -26.22 -6.63
CA THR B 105 13.24 -27.55 -6.52
C THR B 105 12.89 -27.83 -5.07
N LEU B 106 11.80 -28.57 -4.88
CA LEU B 106 11.43 -29.10 -3.59
C LEU B 106 11.67 -30.60 -3.59
N ARG B 107 12.16 -31.11 -2.47
CA ARG B 107 12.72 -32.44 -2.40
C ARG B 107 12.31 -33.17 -1.12
N TYR B 108 11.01 -33.34 -0.91
CA TYR B 108 10.51 -34.14 0.21
C TYR B 108 11.18 -35.50 0.30
N VAL B 109 11.91 -35.72 1.38
CA VAL B 109 12.66 -36.95 1.61
C VAL B 109 12.09 -37.62 2.86
N PRO B 110 11.61 -38.85 2.76
CA PRO B 110 10.92 -39.47 3.90
C PRO B 110 11.90 -39.92 4.97
N LEU B 111 11.32 -40.20 6.13
CA LEU B 111 12.06 -40.65 7.29
C LEU B 111 11.44 -41.82 8.02
N VAL B 112 10.14 -42.04 7.89
CA VAL B 112 9.44 -43.01 8.70
C VAL B 112 9.38 -44.32 7.94
N THR B 113 9.13 -45.41 8.67
CA THR B 113 8.95 -46.71 8.07
C THR B 113 7.65 -46.76 7.27
N VAL B 114 7.57 -47.70 6.35
CA VAL B 114 6.41 -47.77 5.44
C VAL B 114 5.37 -48.60 6.19
N GLN B 115 4.75 -47.98 7.17
CA GLN B 115 3.57 -48.50 7.85
C GLN B 115 2.59 -47.41 8.17
N ASN B 116 2.98 -46.15 8.06
CA ASN B 116 2.15 -45.02 8.44
C ASN B 116 1.66 -44.35 7.18
N SER B 117 0.39 -44.56 6.86
CA SER B 117 -0.19 -43.99 5.66
C SER B 117 -0.35 -42.48 5.80
N GLY B 118 -0.19 -41.78 4.69
CA GLY B 118 -0.28 -40.34 4.71
C GLY B 118 -0.34 -39.78 3.32
N ARG B 119 -0.44 -38.46 3.24
CA ARG B 119 -0.34 -37.79 1.94
C ARG B 119 0.24 -36.41 2.15
N VAL B 120 1.52 -36.26 1.85
CA VAL B 120 2.17 -34.95 1.87
C VAL B 120 2.02 -34.32 0.51
N ALA B 121 1.56 -33.08 0.47
CA ALA B 121 1.44 -32.34 -0.77
C ALA B 121 2.30 -31.09 -0.69
N MET B 122 2.94 -30.73 -1.79
CA MET B 122 3.73 -29.52 -1.88
C MET B 122 3.17 -28.64 -2.99
N ILE B 123 2.79 -27.42 -2.65
CA ILE B 123 2.01 -26.55 -3.52
C ILE B 123 2.69 -25.20 -3.61
N TRP B 124 2.89 -24.70 -4.83
CA TRP B 124 3.36 -23.35 -5.07
C TRP B 124 2.24 -22.46 -5.57
N ASP B 125 2.15 -21.26 -5.02
CA ASP B 125 1.29 -20.19 -5.50
C ASP B 125 2.11 -19.11 -6.18
N PRO B 126 1.57 -18.47 -7.18
CA PRO B 126 2.17 -17.23 -7.67
C PRO B 126 1.82 -16.06 -6.79
N ASP B 127 0.68 -16.10 -6.11
CA ASP B 127 0.41 -15.06 -5.12
C ASP B 127 1.17 -15.34 -3.84
N SER B 128 1.24 -14.32 -3.01
CA SER B 128 1.70 -14.49 -1.63
C SER B 128 0.67 -13.96 -0.66
N GLN B 129 -0.54 -13.69 -1.12
CA GLN B 129 -1.61 -13.22 -0.28
C GLN B 129 -2.89 -14.00 -0.46
N ASP B 130 -2.89 -15.04 -1.29
CA ASP B 130 -4.03 -15.94 -1.30
C ASP B 130 -4.10 -16.69 0.01
N SER B 131 -5.33 -17.02 0.42
CA SER B 131 -5.50 -17.71 1.67
C SER B 131 -5.05 -19.16 1.55
N ALA B 132 -4.80 -19.76 2.71
CA ALA B 132 -4.46 -21.18 2.79
C ALA B 132 -5.62 -22.02 2.26
N PRO B 133 -5.34 -23.17 1.67
CA PRO B 133 -6.43 -23.97 1.10
C PRO B 133 -7.34 -24.54 2.17
N GLN B 134 -8.61 -24.68 1.81
CA GLN B 134 -9.64 -24.94 2.80
C GLN B 134 -9.90 -26.43 2.99
N SER B 135 -10.12 -27.15 1.89
CA SER B 135 -10.49 -28.54 1.95
C SER B 135 -9.31 -29.43 1.63
N ARG B 136 -9.55 -30.73 1.64
CA ARG B 136 -8.58 -31.64 1.06
C ARG B 136 -8.56 -31.51 -0.44
N GLN B 137 -9.73 -31.34 -1.04
CA GLN B 137 -9.86 -31.40 -2.48
C GLN B 137 -9.73 -30.05 -3.15
N GLU B 138 -9.33 -29.03 -2.40
CA GLU B 138 -8.84 -27.80 -3.04
C GLU B 138 -7.33 -27.83 -3.15
N ILE B 139 -6.78 -28.93 -3.65
CA ILE B 139 -5.36 -29.07 -3.87
C ILE B 139 -5.04 -29.20 -5.35
N SER B 140 -5.81 -30.02 -6.07
CA SER B 140 -5.62 -30.20 -7.50
C SER B 140 -5.96 -28.95 -8.30
N ALA B 141 -6.60 -27.95 -7.70
CA ALA B 141 -6.92 -26.73 -8.41
C ALA B 141 -5.78 -25.72 -8.41
N TYR B 142 -4.61 -26.06 -7.89
CA TYR B 142 -3.46 -25.18 -7.99
C TYR B 142 -2.71 -25.43 -9.29
N SER B 143 -1.59 -24.75 -9.46
CA SER B 143 -0.86 -24.81 -10.72
C SER B 143 0.31 -25.79 -10.68
N ARG B 144 1.12 -25.75 -9.63
CA ARG B 144 2.28 -26.63 -9.51
C ARG B 144 2.12 -27.40 -8.21
N SER B 145 1.99 -28.72 -8.30
CA SER B 145 1.66 -29.49 -7.12
C SER B 145 2.10 -30.94 -7.29
N VAL B 146 2.68 -31.48 -6.23
CA VAL B 146 3.03 -32.90 -6.15
C VAL B 146 2.50 -33.43 -4.83
N SER B 147 1.68 -34.46 -4.90
CA SER B 147 1.05 -35.04 -3.71
C SER B 147 1.19 -36.54 -3.78
N THR B 148 2.10 -37.09 -2.96
CA THR B 148 2.22 -38.53 -2.87
C THR B 148 2.10 -38.98 -1.44
N ALA B 149 2.38 -40.26 -1.19
CA ALA B 149 2.28 -40.80 0.15
C ALA B 149 3.42 -40.29 1.02
N VAL B 150 3.28 -40.53 2.32
CA VAL B 150 4.28 -40.11 3.29
C VAL B 150 5.61 -40.83 3.05
N TYR B 151 5.55 -42.11 2.77
CA TYR B 151 6.74 -42.94 2.79
C TYR B 151 7.55 -42.90 1.52
N GLU B 152 7.33 -41.96 0.60
CA GLU B 152 7.99 -42.05 -0.68
C GLU B 152 8.39 -40.67 -1.16
N LYS B 153 9.60 -40.56 -1.70
CA LYS B 153 10.20 -39.27 -2.02
C LYS B 153 9.60 -38.69 -3.30
N CYS B 154 9.71 -37.36 -3.41
CA CYS B 154 9.08 -36.61 -4.49
C CYS B 154 10.08 -35.61 -5.05
N SER B 155 9.59 -34.78 -5.96
CA SER B 155 10.33 -33.65 -6.51
C SER B 155 9.33 -32.72 -7.18
N LEU B 156 9.65 -31.43 -7.17
CA LEU B 156 8.80 -30.44 -7.81
C LEU B 156 9.67 -29.26 -8.22
N THR B 157 9.70 -28.95 -9.50
CA THR B 157 10.47 -27.83 -10.01
C THR B 157 9.57 -26.63 -10.21
N ILE B 158 10.08 -25.46 -9.86
CA ILE B 158 9.33 -24.21 -9.98
C ILE B 158 10.00 -23.36 -11.04
N PRO B 159 9.29 -22.96 -12.08
CA PRO B 159 9.92 -22.13 -13.12
C PRO B 159 10.14 -20.71 -12.62
N ALA B 160 11.37 -20.23 -12.79
CA ALA B 160 11.74 -18.91 -12.28
C ALA B 160 11.50 -17.83 -13.31
N ASP B 161 11.36 -16.61 -12.81
CA ASP B 161 11.20 -15.43 -13.65
C ASP B 161 12.54 -14.78 -13.92
N ASN B 162 12.50 -13.54 -14.40
CA ASN B 162 13.71 -12.77 -14.62
C ASN B 162 13.62 -11.38 -14.01
N GLN B 163 12.66 -11.15 -13.13
CA GLN B 163 12.47 -9.83 -12.55
C GLN B 163 13.21 -9.73 -11.23
N TRP B 164 13.92 -8.63 -11.05
CA TRP B 164 14.50 -8.31 -9.75
C TRP B 164 13.41 -7.89 -8.80
N ARG B 165 13.41 -8.43 -7.59
CA ARG B 165 12.40 -8.11 -6.61
C ARG B 165 13.05 -7.70 -5.31
N PHE B 166 12.32 -6.95 -4.50
CA PHE B 166 12.89 -6.41 -3.28
C PHE B 166 12.98 -7.45 -2.18
N VAL B 167 14.04 -7.35 -1.40
CA VAL B 167 14.21 -8.19 -0.23
C VAL B 167 13.46 -7.55 0.93
N ALA B 168 12.61 -8.32 1.59
CA ALA B 168 11.67 -7.76 2.56
C ALA B 168 12.39 -7.40 3.85
N ASP B 169 12.67 -6.11 4.06
CA ASP B 169 13.11 -5.61 5.36
C ASP B 169 12.10 -4.54 5.76
N ASN B 170 10.94 -4.98 6.19
CA ASN B 170 9.73 -4.18 6.26
C ASN B 170 8.75 -5.24 6.76
N THR B 171 7.47 -4.98 7.13
CA THR B 171 6.56 -3.83 6.99
C THR B 171 6.18 -3.21 5.65
N THR B 172 6.12 -4.02 4.60
CA THR B 172 5.36 -3.66 3.41
C THR B 172 3.92 -4.07 3.62
N VAL B 173 3.00 -3.33 3.01
CA VAL B 173 1.62 -3.75 3.05
C VAL B 173 1.35 -4.85 2.03
N ASP B 174 1.77 -4.63 0.79
CA ASP B 174 1.57 -5.63 -0.26
C ASP B 174 2.80 -6.51 -0.32
N ARG B 175 2.70 -7.70 0.28
CA ARG B 175 3.69 -8.73 0.03
C ARG B 175 3.57 -9.30 -1.37
N LYS B 176 2.45 -9.03 -2.03
CA LYS B 176 2.07 -9.69 -3.27
C LYS B 176 3.02 -9.35 -4.38
N LEU B 177 3.47 -8.09 -4.44
CA LEU B 177 4.35 -7.64 -5.49
C LEU B 177 5.82 -7.80 -5.13
N VAL B 178 6.11 -8.23 -3.91
CA VAL B 178 7.48 -8.38 -3.45
C VAL B 178 7.94 -9.82 -3.51
N ASP B 179 7.14 -10.74 -2.99
CA ASP B 179 7.52 -12.13 -2.92
C ASP B 179 7.43 -12.78 -4.28
N PHE B 180 8.07 -13.94 -4.42
CA PHE B 180 7.85 -14.73 -5.60
C PHE B 180 6.62 -15.62 -5.47
N GLY B 181 6.21 -15.92 -4.26
CA GLY B 181 4.99 -16.68 -4.06
C GLY B 181 5.02 -17.41 -2.74
N GLN B 182 4.05 -18.29 -2.58
CA GLN B 182 3.90 -19.08 -1.38
C GLN B 182 4.38 -20.50 -1.62
N LEU B 183 4.60 -21.20 -0.52
CA LEU B 183 4.74 -22.64 -0.54
C LEU B 183 3.83 -23.19 0.53
N LEU B 184 2.98 -24.14 0.16
CA LEU B 184 1.99 -24.68 1.06
C LEU B 184 2.21 -26.19 1.18
N PHE B 185 2.04 -26.72 2.38
CA PHE B 185 2.35 -28.11 2.65
C PHE B 185 1.21 -28.74 3.42
N VAL B 186 0.57 -29.75 2.83
CA VAL B 186 -0.67 -30.30 3.33
C VAL B 186 -0.50 -31.78 3.64
N THR B 187 -1.02 -32.22 4.79
CA THR B 187 -1.00 -33.62 5.19
C THR B 187 -2.39 -34.07 5.62
N HIS B 188 -2.90 -35.15 5.00
CA HIS B 188 -4.22 -35.65 5.40
C HIS B 188 -4.36 -37.16 5.18
N SER B 189 -3.96 -37.96 6.16
CA SER B 189 -4.62 -39.26 6.28
C SER B 189 -4.84 -39.62 7.73
N GLY B 190 -3.82 -39.38 8.52
CA GLY B 190 -3.60 -40.10 9.76
C GLY B 190 -2.13 -40.07 10.11
N SER B 191 -1.74 -40.96 11.03
CA SER B 191 -0.41 -41.00 11.61
C SER B 191 -0.05 -39.65 12.21
N ASP B 192 -0.75 -39.33 13.30
CA ASP B 192 -0.85 -37.95 13.77
C ASP B 192 0.46 -37.45 14.34
N GLY B 193 0.92 -37.99 15.45
CA GLY B 193 2.07 -37.40 16.10
C GLY B 193 3.39 -37.98 15.67
N ILE B 194 3.63 -38.08 14.37
CA ILE B 194 4.78 -38.81 13.84
C ILE B 194 5.55 -37.92 12.88
N GLU B 195 6.86 -37.81 13.09
CA GLU B 195 7.73 -37.14 12.14
C GLU B 195 7.78 -37.97 10.87
N THR B 196 7.09 -37.53 9.82
CA THR B 196 7.06 -38.32 8.60
C THR B 196 8.35 -38.19 7.82
N GLY B 197 8.66 -36.99 7.39
CA GLY B 197 9.86 -36.74 6.65
C GLY B 197 10.22 -35.29 6.76
N ASP B 198 11.10 -34.84 5.87
CA ASP B 198 11.52 -33.45 5.89
C ASP B 198 11.75 -32.96 4.47
N ILE B 199 11.45 -31.69 4.25
CA ILE B 199 11.40 -31.10 2.93
C ILE B 199 12.64 -30.26 2.71
N PHE B 200 13.39 -30.56 1.67
CA PHE B 200 14.55 -29.78 1.30
C PHE B 200 14.23 -28.88 0.12
N LEU B 201 15.11 -27.92 -0.11
CA LEU B 201 14.85 -26.86 -1.06
C LEU B 201 16.17 -26.38 -1.64
N ASP B 202 16.23 -26.27 -2.96
CA ASP B 202 17.47 -25.97 -3.66
C ASP B 202 17.33 -24.66 -4.40
N CYS B 203 18.37 -23.83 -4.35
CA CYS B 203 18.29 -22.50 -4.93
C CYS B 203 19.57 -22.10 -5.63
N GLU B 204 19.41 -21.20 -6.60
CA GLU B 204 20.50 -20.39 -7.12
C GLU B 204 19.98 -18.96 -7.05
N VAL B 205 20.41 -18.22 -6.05
CA VAL B 205 19.94 -16.86 -5.82
C VAL B 205 21.08 -15.91 -6.11
N GLU B 206 20.82 -14.90 -6.93
CA GLU B 206 21.79 -13.84 -7.08
C GLU B 206 21.17 -12.54 -6.58
N PHE B 207 22.04 -11.65 -6.11
CA PHE B 207 21.62 -10.43 -5.44
C PHE B 207 22.17 -9.22 -6.17
N LYS B 208 21.32 -8.22 -6.39
CA LYS B 208 21.76 -6.93 -6.89
C LYS B 208 21.95 -6.05 -5.65
N GLY B 209 22.07 -4.73 -5.85
CA GLY B 209 22.75 -3.78 -4.99
C GLY B 209 22.73 -3.92 -3.49
N PRO B 210 23.89 -3.73 -2.86
CA PRO B 210 24.01 -4.04 -1.43
C PRO B 210 23.40 -3.02 -0.49
N GLN B 211 23.64 -3.23 0.80
CA GLN B 211 22.89 -2.58 1.86
C GLN B 211 23.66 -2.77 3.15
N PRO B 212 23.58 -1.84 4.10
CA PRO B 212 24.01 -2.17 5.45
C PRO B 212 23.10 -3.24 6.03
N THR B 213 23.69 -4.07 6.90
CA THR B 213 23.11 -5.35 7.26
C THR B 213 21.83 -5.15 8.06
N ALA B 214 20.76 -5.81 7.62
CA ALA B 214 19.55 -5.86 8.42
C ALA B 214 19.83 -6.68 9.67
N SER B 215 19.35 -6.20 10.81
CA SER B 215 19.72 -6.76 12.09
C SER B 215 19.03 -8.11 12.27
N ILE B 216 19.81 -9.19 12.28
CA ILE B 216 19.23 -10.52 12.42
C ILE B 216 19.22 -10.82 13.91
N VAL B 217 18.29 -10.16 14.61
CA VAL B 217 17.93 -10.41 16.00
C VAL B 217 16.48 -9.98 16.13
N GLN B 218 15.57 -10.89 16.51
CA GLN B 218 14.20 -10.44 16.71
C GLN B 218 14.03 -9.64 18.00
N LYS B 219 12.84 -9.07 18.13
CA LYS B 219 12.45 -8.31 19.31
C LYS B 219 10.94 -8.37 19.36
N THR B 220 10.38 -9.11 20.30
CA THR B 220 8.95 -9.30 20.40
C THR B 220 8.45 -8.95 21.79
N VAL B 221 7.23 -8.44 21.86
CA VAL B 221 6.61 -7.98 23.09
C VAL B 221 5.25 -8.63 23.21
N ILE B 222 4.92 -9.15 24.39
CA ILE B 222 3.60 -9.71 24.66
C ILE B 222 3.00 -8.94 25.82
N ASP B 223 1.73 -8.58 25.71
CA ASP B 223 0.96 -8.07 26.82
C ASP B 223 -0.12 -9.08 27.18
N LEU B 224 -0.74 -8.88 28.35
CA LEU B 224 -1.86 -9.73 28.75
C LEU B 224 -3.03 -9.52 27.82
N GLY B 225 -3.44 -10.60 27.15
CA GLY B 225 -4.45 -10.52 26.13
C GLY B 225 -3.92 -10.17 24.76
N GLY B 226 -2.65 -9.82 24.63
CA GLY B 226 -2.04 -9.53 23.36
C GLY B 226 -1.40 -10.75 22.75
N THR B 227 -0.69 -10.52 21.65
CA THR B 227 0.03 -11.56 20.93
C THR B 227 1.48 -11.13 20.75
N LEU B 228 2.24 -11.97 20.06
CA LEU B 228 3.58 -11.58 19.66
C LEU B 228 3.52 -10.51 18.58
N THR B 229 4.22 -9.41 18.80
CA THR B 229 4.37 -8.36 17.81
C THR B 229 5.85 -8.15 17.57
N SER B 230 6.31 -8.43 16.35
CA SER B 230 7.72 -8.34 16.06
C SER B 230 8.15 -6.88 15.93
N PHE B 231 9.44 -6.65 16.09
CA PHE B 231 10.04 -5.33 15.93
C PHE B 231 11.42 -5.51 15.33
N GLU B 232 11.71 -4.67 14.33
CA GLU B 232 12.97 -4.63 13.54
C GLU B 232 13.45 -6.00 13.05
N GLY B 233 12.54 -6.96 12.82
CA GLY B 233 12.82 -8.18 12.08
C GLY B 233 13.83 -9.11 12.73
N PRO B 234 14.09 -10.28 12.12
CA PRO B 234 13.45 -11.07 11.08
C PRO B 234 12.22 -11.80 11.60
N SER B 235 11.87 -12.93 10.99
CA SER B 235 10.61 -13.58 11.35
C SER B 235 10.82 -15.00 11.88
N TYR B 236 11.70 -15.17 12.87
CA TYR B 236 11.82 -16.46 13.53
C TYR B 236 10.52 -16.87 14.22
N LEU B 237 9.90 -15.95 14.97
CA LEU B 237 8.64 -16.24 15.62
C LEU B 237 7.51 -15.55 14.88
N MET B 238 6.43 -16.26 14.73
CA MET B 238 5.19 -15.76 14.19
C MET B 238 4.24 -15.43 15.33
N PRO B 239 3.24 -14.56 15.13
CA PRO B 239 2.37 -14.12 16.24
C PRO B 239 1.59 -15.23 16.94
N PRO B 240 1.09 -16.30 16.26
CA PRO B 240 0.47 -17.36 17.08
C PRO B 240 1.46 -18.40 17.59
N ASP B 241 2.47 -17.95 18.32
CA ASP B 241 3.48 -18.85 18.85
C ASP B 241 3.73 -18.68 20.34
N ALA B 242 2.90 -17.93 21.05
CA ALA B 242 3.15 -17.72 22.46
C ALA B 242 1.84 -17.50 23.21
N PHE B 243 1.94 -17.56 24.53
CA PHE B 243 0.80 -17.36 25.40
C PHE B 243 1.32 -16.94 26.75
N ILE B 244 0.65 -15.97 27.38
CA ILE B 244 0.96 -15.61 28.75
C ILE B 244 -0.32 -15.68 29.56
N THR B 245 -0.15 -15.94 30.85
CA THR B 245 -1.23 -15.92 31.82
C THR B 245 -0.88 -14.90 32.89
N SER B 246 -1.64 -14.90 33.97
CA SER B 246 -1.22 -14.12 35.13
C SER B 246 -0.02 -14.68 35.85
N SER B 247 0.38 -15.91 35.54
CA SER B 247 1.46 -16.56 36.27
C SER B 247 2.47 -17.29 35.40
N SER B 248 2.19 -17.54 34.13
CA SER B 248 3.02 -18.43 33.33
C SER B 248 3.29 -17.82 31.96
N PHE B 249 4.05 -18.54 31.16
CA PHE B 249 4.59 -18.04 29.90
C PHE B 249 5.14 -19.20 29.09
N GLY B 250 4.96 -19.14 27.76
CA GLY B 250 5.44 -20.20 26.89
C GLY B 250 5.69 -19.79 25.45
N LEU B 251 6.65 -20.42 24.79
CA LEU B 251 6.97 -20.16 23.40
C LEU B 251 7.07 -21.49 22.65
N PHE B 252 6.41 -21.58 21.51
CA PHE B 252 6.63 -22.66 20.57
C PHE B 252 7.60 -22.19 19.50
N VAL B 253 8.66 -22.95 19.26
CA VAL B 253 9.69 -22.58 18.29
C VAL B 253 9.79 -23.70 17.27
N ASP B 254 9.41 -23.42 16.02
CA ASP B 254 9.52 -24.41 14.95
C ASP B 254 10.22 -23.77 13.76
N VAL B 255 11.55 -23.64 13.82
CA VAL B 255 12.34 -23.16 12.69
C VAL B 255 13.54 -24.11 12.61
N ALA B 256 13.73 -24.89 13.67
CA ALA B 256 14.77 -25.92 13.80
C ALA B 256 16.19 -25.31 13.71
N GLY B 257 16.51 -24.54 14.73
CA GLY B 257 17.88 -24.08 14.91
C GLY B 257 18.36 -24.11 16.34
N THR B 258 19.51 -23.51 16.60
CA THR B 258 20.06 -23.34 17.94
C THR B 258 20.05 -21.84 18.23
N TYR B 259 19.42 -21.43 19.32
CA TYR B 259 19.12 -20.01 19.48
C TYR B 259 19.69 -19.48 20.79
N LEU B 260 19.41 -18.20 21.03
CA LEU B 260 19.82 -17.51 22.24
C LEU B 260 18.70 -16.56 22.63
N LEU B 261 18.09 -16.77 23.80
CA LEU B 261 17.06 -15.89 24.29
C LEU B 261 17.63 -14.90 25.28
N THR B 262 16.98 -13.76 25.41
CA THR B 262 17.10 -12.89 26.57
C THR B 262 15.67 -12.63 27.01
N LEU B 263 15.20 -13.39 27.98
CA LEU B 263 13.92 -13.10 28.60
C LEU B 263 14.04 -11.82 29.40
N VAL B 264 13.11 -10.89 29.19
CA VAL B 264 12.93 -9.75 30.08
C VAL B 264 11.46 -9.75 30.44
N VAL B 265 11.14 -10.23 31.64
CA VAL B 265 9.76 -10.46 32.04
C VAL B 265 9.47 -9.59 33.25
N THR B 266 8.38 -8.83 33.19
CA THR B 266 7.98 -7.97 34.30
C THR B 266 7.04 -8.74 35.20
N CYS B 267 7.57 -9.25 36.31
CA CYS B 267 6.75 -9.94 37.30
C CYS B 267 6.96 -9.37 38.68
N SER B 268 6.42 -10.04 39.69
CA SER B 268 6.60 -9.67 41.07
C SER B 268 7.34 -10.72 41.89
N THR B 269 7.31 -11.98 41.48
CA THR B 269 8.07 -13.05 42.10
C THR B 269 8.94 -13.71 41.06
N THR B 270 9.86 -14.56 41.52
CA THR B 270 10.72 -15.28 40.60
C THR B 270 9.96 -16.44 39.97
N GLY B 271 10.61 -17.12 39.04
CA GLY B 271 10.03 -18.28 38.41
C GLY B 271 11.08 -19.10 37.72
N SER B 272 10.86 -20.41 37.67
CA SER B 272 11.77 -21.32 37.01
C SER B 272 11.51 -21.29 35.51
N VAL B 273 12.52 -21.68 34.75
CA VAL B 273 12.44 -21.74 33.30
C VAL B 273 12.79 -23.15 32.87
N THR B 274 11.83 -23.85 32.29
CA THR B 274 12.04 -25.20 31.80
C THR B 274 12.08 -25.20 30.29
N VAL B 275 12.90 -26.07 29.72
CA VAL B 275 13.03 -26.22 28.29
C VAL B 275 12.78 -27.68 27.95
N GLY B 276 11.80 -27.93 27.09
CA GLY B 276 11.51 -29.30 26.71
C GLY B 276 10.60 -29.34 25.51
N GLY B 277 10.14 -30.53 25.19
CA GLY B 277 9.20 -30.72 24.10
C GLY B 277 9.85 -30.80 22.75
N ASN B 278 10.27 -29.68 22.20
CA ASN B 278 10.95 -29.66 20.91
C ASN B 278 12.43 -29.46 21.05
N SER B 279 12.86 -28.86 22.15
CA SER B 279 14.21 -28.39 22.29
C SER B 279 14.76 -28.84 23.62
N THR B 280 16.05 -29.13 23.64
CA THR B 280 16.76 -29.43 24.86
C THR B 280 17.69 -28.28 25.18
N LEU B 281 17.97 -28.09 26.46
CA LEU B 281 18.99 -27.15 26.85
C LEU B 281 20.36 -27.61 26.43
N VAL B 282 21.16 -26.68 25.92
CA VAL B 282 22.60 -26.85 26.02
C VAL B 282 22.91 -26.33 27.41
N GLY B 283 22.95 -27.23 28.39
CA GLY B 283 22.41 -26.87 29.68
C GLY B 283 23.33 -26.06 30.55
N ASP B 284 23.13 -24.75 30.44
CA ASP B 284 23.86 -23.74 31.19
C ASP B 284 22.99 -22.53 31.50
N GLY B 285 21.66 -22.70 31.54
CA GLY B 285 20.74 -21.59 31.58
C GLY B 285 20.83 -20.78 32.86
N ARG B 286 21.42 -19.61 32.76
CA ARG B 286 21.68 -18.77 33.91
C ARG B 286 20.69 -17.61 33.92
N ALA B 287 19.91 -17.53 34.98
CA ALA B 287 18.92 -16.47 35.17
C ALA B 287 19.32 -15.61 36.35
N ALA B 288 18.52 -14.57 36.57
CA ALA B 288 18.74 -13.68 37.70
C ALA B 288 17.44 -13.00 38.07
N TYR B 289 17.42 -12.44 39.27
CA TYR B 289 16.32 -11.61 39.70
C TYR B 289 16.90 -10.37 40.38
N GLY B 290 16.04 -9.47 40.82
CA GLY B 290 16.44 -8.12 41.13
C GLY B 290 15.19 -7.30 41.40
N SER B 291 15.03 -6.19 40.67
CA SER B 291 13.80 -5.41 40.74
C SER B 291 12.69 -6.10 39.97
N SER B 292 11.62 -5.37 39.62
CA SER B 292 10.44 -5.95 39.01
C SER B 292 10.68 -6.66 37.68
N ASN B 293 11.84 -6.47 37.05
CA ASN B 293 12.19 -7.27 35.88
C ASN B 293 12.59 -8.68 36.29
N TYR B 294 12.47 -9.60 35.34
CA TYR B 294 13.06 -10.93 35.44
C TYR B 294 13.87 -11.19 34.20
N ILE B 295 15.16 -11.45 34.37
CA ILE B 295 16.09 -11.57 33.25
C ILE B 295 16.68 -12.96 33.25
N ALA B 296 16.62 -13.63 32.10
CA ALA B 296 17.25 -14.92 31.91
C ALA B 296 17.89 -14.95 30.53
N SER B 297 18.78 -15.91 30.33
CA SER B 297 19.44 -16.11 29.05
C SER B 297 19.64 -17.59 28.82
N ILE B 298 19.09 -18.07 27.71
CA ILE B 298 18.93 -19.50 27.45
C ILE B 298 19.61 -19.80 26.13
N VAL B 299 20.29 -20.93 26.04
CA VAL B 299 20.76 -21.47 24.77
C VAL B 299 20.12 -22.83 24.59
N PHE B 300 19.24 -22.95 23.61
CA PHE B 300 18.55 -24.19 23.34
C PHE B 300 18.65 -24.51 21.86
N THR B 301 18.39 -25.77 21.52
CA THR B 301 18.43 -26.23 20.14
C THR B 301 17.08 -26.83 19.80
N SER B 302 16.29 -26.13 19.01
CA SER B 302 15.01 -26.67 18.61
C SER B 302 15.19 -27.71 17.51
N SER B 303 14.09 -28.39 17.18
CA SER B 303 14.11 -29.41 16.15
C SER B 303 13.05 -29.21 15.09
N GLY B 304 12.21 -28.18 15.22
CA GLY B 304 11.22 -27.88 14.22
C GLY B 304 9.97 -28.72 14.24
N VAL B 305 9.95 -29.79 15.00
CA VAL B 305 8.79 -30.68 15.06
C VAL B 305 7.74 -30.02 15.93
N LEU B 306 6.46 -30.24 15.60
CA LEU B 306 5.40 -29.82 16.50
C LEU B 306 5.40 -30.67 17.77
N SER B 307 4.86 -30.08 18.83
CA SER B 307 4.53 -30.82 20.04
C SER B 307 3.50 -30.01 20.80
N THR B 308 2.70 -30.70 21.62
CA THR B 308 1.70 -30.01 22.43
C THR B 308 2.25 -29.69 23.82
N THR B 309 3.46 -29.12 23.84
CA THR B 309 4.15 -28.62 25.01
C THR B 309 4.93 -27.44 24.47
N PRO B 310 5.03 -26.35 25.21
CA PRO B 310 5.86 -25.23 24.75
C PRO B 310 7.32 -25.61 24.77
N SER B 311 8.06 -25.07 23.79
CA SER B 311 9.48 -25.34 23.72
C SER B 311 10.22 -24.68 24.87
N VAL B 312 9.95 -23.41 25.12
CA VAL B 312 10.50 -22.71 26.27
C VAL B 312 9.33 -22.27 27.14
N GLN B 313 9.38 -22.61 28.42
CA GLN B 313 8.26 -22.36 29.31
C GLN B 313 8.75 -21.75 30.62
N PHE B 314 8.05 -20.71 31.05
CA PHE B 314 8.36 -19.97 32.26
C PHE B 314 7.15 -20.00 33.17
N SER B 315 7.30 -20.60 34.35
CA SER B 315 6.16 -20.84 35.22
C SER B 315 6.55 -20.60 36.67
N GLY B 316 5.53 -20.50 37.51
CA GLY B 316 5.72 -20.40 38.94
C GLY B 316 5.65 -19.00 39.49
N SER B 317 5.65 -17.97 38.65
CA SER B 317 5.72 -16.61 39.13
C SER B 317 4.31 -16.05 39.33
N SER B 318 4.22 -14.74 39.50
CA SER B 318 2.94 -14.08 39.65
C SER B 318 3.01 -12.72 38.98
N GLY B 319 1.88 -12.32 38.39
CA GLY B 319 1.67 -11.01 37.74
C GLY B 319 2.65 -10.79 36.58
N VAL B 320 2.57 -11.68 35.60
CA VAL B 320 3.24 -11.41 34.34
C VAL B 320 2.49 -10.34 33.58
N SER B 321 3.19 -9.30 33.16
CA SER B 321 2.56 -8.22 32.41
C SER B 321 3.18 -8.02 31.04
N ARG B 322 4.50 -7.99 30.94
CA ARG B 322 5.18 -7.91 29.66
C ARG B 322 6.28 -8.94 29.60
N VAL B 323 6.49 -9.48 28.40
CA VAL B 323 7.64 -10.32 28.12
C VAL B 323 8.32 -9.77 26.88
N GLN B 324 9.59 -9.43 26.99
CA GLN B 324 10.38 -8.94 25.86
C GLN B 324 11.43 -9.97 25.50
N MET B 325 11.66 -10.15 24.19
CA MET B 325 12.52 -11.21 23.71
C MET B 325 13.59 -10.67 22.78
N ASN B 326 14.66 -11.46 22.64
CA ASN B 326 15.65 -11.27 21.59
C ASN B 326 16.15 -12.66 21.21
N ILE B 327 16.07 -13.01 19.92
CA ILE B 327 16.50 -14.33 19.45
C ILE B 327 17.55 -14.11 18.37
N CYS B 328 18.61 -14.92 18.38
CA CYS B 328 19.78 -14.58 17.60
C CYS B 328 20.30 -15.67 16.67
N ARG B 329 19.89 -16.94 16.84
CA ARG B 329 20.47 -18.09 16.15
C ARG B 329 21.98 -18.17 16.39
N CYS B 330 22.32 -18.51 17.62
CA CYS B 330 23.70 -18.72 18.02
C CYS B 330 24.15 -20.15 17.78
N LYS B 331 25.27 -20.51 18.37
CA LYS B 331 25.88 -21.83 18.24
C LYS B 331 26.11 -22.36 19.65
N GLN B 332 26.60 -23.60 19.77
CA GLN B 332 26.69 -24.24 21.08
C GLN B 332 27.78 -23.66 21.96
N GLY B 333 28.72 -22.91 21.40
CA GLY B 333 29.74 -22.33 22.24
C GLY B 333 29.35 -21.07 22.96
N ASN B 334 28.12 -20.60 22.80
CA ASN B 334 27.69 -19.33 23.38
C ASN B 334 26.90 -19.53 24.67
N THR B 335 27.27 -20.51 25.47
CA THR B 335 26.58 -20.77 26.72
C THR B 335 27.15 -19.91 27.83
N PHE B 336 26.83 -20.23 29.07
CA PHE B 336 27.30 -19.48 30.23
C PHE B 336 27.84 -20.45 31.26
N ILE B 337 29.14 -20.38 31.54
CA ILE B 337 29.77 -21.30 32.47
C ILE B 337 29.28 -21.02 33.88
N LEU B 338 28.90 -22.07 34.59
CA LEU B 338 28.48 -21.96 35.98
C LEU B 338 29.62 -21.53 36.89
N THR C 19 -5.91 23.55 -55.75
CA THR C 19 -5.27 24.45 -56.72
C THR C 19 -5.89 25.85 -56.97
N PRO C 20 -7.18 26.09 -56.71
CA PRO C 20 -7.62 27.49 -56.53
C PRO C 20 -7.49 28.02 -55.11
N ASN C 21 -6.73 27.35 -54.25
CA ASN C 21 -6.36 27.72 -52.89
C ASN C 21 -7.50 27.69 -51.89
N THR C 22 -8.76 27.48 -52.33
CA THR C 22 -9.90 27.32 -51.44
C THR C 22 -10.68 26.12 -51.89
N SER C 23 -10.84 25.14 -51.01
CA SER C 23 -11.51 23.89 -51.34
C SER C 23 -12.84 23.84 -50.61
N VAL C 24 -13.93 23.95 -51.35
CA VAL C 24 -15.27 23.82 -50.76
C VAL C 24 -15.61 22.35 -50.69
N LYS C 25 -15.90 21.87 -49.48
CA LYS C 25 -16.29 20.49 -49.25
C LYS C 25 -17.66 20.46 -48.61
N THR C 26 -18.54 19.62 -49.14
CA THR C 26 -19.91 19.58 -48.63
C THR C 26 -20.10 18.43 -47.66
N VAL C 27 -20.83 18.71 -46.58
CA VAL C 27 -21.15 17.71 -45.58
C VAL C 27 -22.66 17.67 -45.43
N ALA C 28 -23.24 16.47 -45.52
CA ALA C 28 -24.68 16.28 -45.40
C ALA C 28 -24.95 15.55 -44.09
N ILE C 29 -25.22 16.32 -43.03
CA ILE C 29 -25.52 15.77 -41.71
C ILE C 29 -26.94 15.23 -41.76
N PRO C 30 -27.13 13.92 -41.79
CA PRO C 30 -28.44 13.38 -42.18
C PRO C 30 -29.58 13.58 -41.19
N PHE C 31 -29.60 12.85 -40.08
CA PHE C 31 -30.58 12.88 -39.01
C PHE C 31 -29.97 11.89 -38.05
N ALA C 32 -30.76 11.30 -37.16
CA ALA C 32 -30.35 10.23 -36.24
C ALA C 32 -29.52 9.14 -36.92
N LYS C 33 -28.29 8.97 -36.47
CA LYS C 33 -27.51 7.78 -36.78
C LYS C 33 -27.57 6.81 -35.60
N THR C 34 -27.78 5.54 -35.89
CA THR C 34 -27.79 4.50 -34.87
C THR C 34 -26.87 3.38 -35.30
N GLN C 35 -26.74 2.39 -34.43
CA GLN C 35 -26.02 1.16 -34.76
C GLN C 35 -26.85 -0.03 -34.30
N ILE C 36 -26.66 -1.15 -34.99
CA ILE C 36 -27.38 -2.38 -34.71
C ILE C 36 -26.35 -3.44 -34.34
N ILE C 37 -26.58 -4.12 -33.22
CA ILE C 37 -25.62 -5.04 -32.64
C ILE C 37 -26.23 -6.42 -32.57
N LYS C 38 -25.62 -7.38 -33.25
CA LYS C 38 -26.03 -8.77 -33.18
C LYS C 38 -24.91 -9.61 -32.59
N THR C 39 -25.29 -10.73 -31.97
CA THR C 39 -24.34 -11.72 -31.53
C THR C 39 -24.50 -12.99 -32.36
N VAL C 40 -23.46 -13.82 -32.40
CA VAL C 40 -23.54 -14.96 -33.31
C VAL C 40 -23.86 -16.26 -32.56
N ASN C 41 -23.17 -16.65 -31.47
CA ASN C 41 -21.81 -16.35 -31.00
C ASN C 41 -20.75 -17.27 -31.63
N PRO C 42 -21.02 -18.61 -31.77
CA PRO C 42 -20.01 -19.27 -32.61
C PRO C 42 -20.25 -19.07 -34.10
N PRO C 43 -16.41 -23.65 -31.46
CA PRO C 43 -15.66 -23.27 -30.26
C PRO C 43 -16.41 -23.57 -28.98
N PRO C 44 -15.68 -23.88 -27.89
CA PRO C 44 -16.31 -24.12 -26.59
C PRO C 44 -16.76 -22.84 -25.91
N ILE C 50 -10.68 -14.10 -27.69
CA ILE C 50 -12.14 -14.10 -27.79
C ILE C 50 -12.67 -12.72 -27.46
N LEU C 51 -13.06 -11.98 -28.50
CA LEU C 51 -13.71 -10.69 -28.30
C LEU C 51 -15.05 -10.87 -27.61
N HIS C 52 -15.43 -9.88 -26.81
CA HIS C 52 -16.62 -10.02 -25.99
C HIS C 52 -17.17 -8.64 -25.70
N THR C 53 -18.19 -8.23 -26.45
CA THR C 53 -18.80 -6.93 -26.26
C THR C 53 -19.75 -6.98 -25.06
N GLN C 54 -19.75 -5.92 -24.27
CA GLN C 54 -20.69 -5.78 -23.17
C GLN C 54 -21.12 -4.34 -23.01
N LEU C 55 -22.34 -4.16 -22.54
CA LEU C 55 -22.75 -2.86 -22.01
C LEU C 55 -21.95 -2.53 -20.78
N VAL C 56 -21.77 -1.23 -20.57
CA VAL C 56 -21.15 -0.69 -19.37
C VAL C 56 -22.08 0.27 -18.66
N MET C 57 -22.63 1.22 -19.40
CA MET C 57 -23.49 2.25 -18.85
C MET C 57 -24.60 2.57 -19.83
N SER C 58 -25.49 3.43 -19.39
CA SER C 58 -26.36 4.20 -20.26
C SER C 58 -26.08 5.66 -19.94
N VAL C 59 -25.60 6.40 -20.94
CA VAL C 59 -25.09 7.74 -20.71
C VAL C 59 -26.26 8.68 -20.42
N VAL C 60 -26.29 9.20 -19.21
CA VAL C 60 -27.31 10.15 -18.78
C VAL C 60 -26.69 11.52 -18.85
N GLY C 61 -27.14 12.34 -19.79
CA GLY C 61 -26.58 13.67 -19.94
C GLY C 61 -26.97 14.58 -18.79
N SER C 62 -26.12 15.56 -18.54
CA SER C 62 -26.33 16.49 -17.44
C SER C 62 -26.05 17.90 -17.89
N VAL C 63 -26.62 18.86 -17.18
CA VAL C 63 -26.50 20.25 -17.57
C VAL C 63 -25.14 20.80 -17.17
N GLN C 64 -24.75 20.60 -15.92
CA GLN C 64 -23.60 21.34 -15.41
C GLN C 64 -22.28 20.68 -15.80
N MET C 65 -21.97 19.57 -15.15
CA MET C 65 -20.70 18.87 -15.28
C MET C 65 -20.77 17.59 -14.46
N ARG C 66 -20.35 16.46 -15.02
CA ARG C 66 -20.45 15.23 -14.25
C ARG C 66 -19.48 14.20 -14.81
N THR C 67 -18.93 13.40 -13.91
CA THR C 67 -17.99 12.31 -14.18
C THR C 67 -18.76 11.09 -14.66
N ASN C 68 -18.19 9.90 -14.43
CA ASN C 68 -18.98 8.68 -14.33
C ASN C 68 -20.26 9.00 -13.59
N ASN C 69 -21.39 8.78 -14.25
CA ASN C 69 -22.57 9.62 -14.06
C ASN C 69 -23.16 9.43 -12.68
N GLY C 70 -22.57 10.14 -11.73
CA GLY C 70 -22.94 10.06 -10.35
C GLY C 70 -22.33 8.90 -9.59
N LYS C 71 -21.69 7.97 -10.27
CA LYS C 71 -21.02 6.90 -9.58
C LYS C 71 -19.70 7.39 -9.03
N SER C 72 -18.96 6.50 -8.36
CA SER C 72 -17.82 6.92 -7.56
C SER C 72 -16.66 7.36 -8.45
N ASN C 73 -15.65 7.93 -7.81
CA ASN C 73 -14.50 8.50 -8.47
C ASN C 73 -13.47 7.45 -8.86
N GLN C 74 -13.82 6.18 -8.74
CA GLN C 74 -12.84 5.11 -8.79
C GLN C 74 -13.43 3.88 -9.47
N ARG C 75 -14.66 3.99 -10.01
CA ARG C 75 -15.51 2.83 -10.28
C ARG C 75 -14.97 1.96 -11.40
N PHE C 76 -14.89 2.51 -12.60
CA PHE C 76 -14.51 1.71 -13.74
C PHE C 76 -13.00 1.58 -13.77
N ARG C 77 -12.52 0.35 -13.71
CA ARG C 77 -11.18 0.09 -13.21
C ARG C 77 -10.78 -1.24 -13.79
N LEU C 78 -9.73 -1.25 -14.62
CA LEU C 78 -9.48 -2.37 -15.50
C LEU C 78 -8.82 -3.53 -14.74
N ASN C 79 -9.65 -4.25 -14.01
CA ASN C 79 -9.40 -5.63 -13.63
C ASN C 79 -10.52 -6.49 -14.13
N PRO C 80 -10.26 -7.77 -14.43
CA PRO C 80 -11.36 -8.71 -14.63
C PRO C 80 -12.10 -9.04 -13.34
N SER C 81 -11.55 -8.71 -12.18
CA SER C 81 -12.30 -8.87 -10.94
C SER C 81 -13.02 -7.59 -10.56
N ASN C 82 -13.75 -7.01 -11.50
CA ASN C 82 -14.46 -5.76 -11.30
C ASN C 82 -15.87 -5.97 -11.82
N PRO C 83 -16.89 -5.88 -10.97
CA PRO C 83 -18.24 -6.22 -11.40
C PRO C 83 -18.84 -5.24 -12.38
N ALA C 84 -18.33 -4.00 -12.42
CA ALA C 84 -18.91 -3.01 -13.31
C ALA C 84 -18.54 -3.30 -14.76
N LEU C 85 -17.29 -3.65 -15.01
CA LEU C 85 -16.86 -3.86 -16.39
C LEU C 85 -16.99 -5.29 -16.85
N PHE C 86 -17.02 -6.25 -15.95
CA PHE C 86 -17.06 -7.66 -16.32
C PHE C 86 -17.99 -8.42 -15.39
N PRO C 87 -19.30 -8.31 -15.57
CA PRO C 87 -20.21 -9.05 -14.70
C PRO C 87 -20.19 -10.55 -14.95
N THR C 88 -19.69 -11.00 -16.09
CA THR C 88 -19.62 -12.43 -16.36
C THR C 88 -18.22 -13.00 -16.18
N LEU C 89 -17.20 -12.25 -16.58
CA LEU C 89 -15.84 -12.77 -16.47
C LEU C 89 -15.33 -12.78 -15.04
N ALA C 90 -15.99 -12.08 -14.13
CA ALA C 90 -15.50 -12.00 -12.75
C ALA C 90 -15.60 -13.35 -12.07
N TYR C 91 -16.50 -14.21 -12.52
CA TYR C 91 -16.54 -15.56 -11.96
C TYR C 91 -15.41 -16.40 -12.51
N GLU C 92 -15.11 -16.27 -13.80
CA GLU C 92 -13.95 -16.97 -14.33
C GLU C 92 -12.66 -16.34 -13.85
N ALA C 93 -12.69 -15.05 -13.50
CA ALA C 93 -11.49 -14.42 -12.98
C ALA C 93 -11.17 -14.87 -11.57
N ALA C 94 -12.12 -15.47 -10.87
CA ALA C 94 -11.83 -15.98 -9.55
C ALA C 94 -10.95 -17.21 -9.61
N ASN C 95 -10.93 -17.93 -10.72
CA ASN C 95 -10.16 -19.16 -10.83
C ASN C 95 -8.78 -18.94 -11.38
N TYR C 96 -8.29 -17.71 -11.42
CA TYR C 96 -6.97 -17.45 -11.97
C TYR C 96 -6.29 -16.33 -11.20
N ASP C 97 -5.01 -16.13 -11.49
CA ASP C 97 -4.20 -15.14 -10.81
C ASP C 97 -3.67 -14.04 -11.71
N MET C 98 -3.17 -14.37 -12.87
CA MET C 98 -2.59 -13.37 -13.74
C MET C 98 -3.58 -13.06 -14.85
N TYR C 99 -3.43 -11.88 -15.45
CA TYR C 99 -4.26 -11.55 -16.60
C TYR C 99 -3.49 -10.62 -17.51
N ARG C 100 -3.88 -10.62 -18.77
CA ARG C 100 -3.54 -9.57 -19.71
C ARG C 100 -4.83 -8.96 -20.24
N LEU C 101 -4.67 -7.96 -21.09
CA LEU C 101 -5.75 -7.39 -21.85
C LEU C 101 -5.21 -7.11 -23.24
N LYS C 102 -5.76 -7.78 -24.25
CA LYS C 102 -5.19 -7.66 -25.58
C LYS C 102 -5.82 -6.54 -26.39
N LYS C 103 -7.13 -6.58 -26.60
CA LYS C 103 -7.80 -5.61 -27.44
C LYS C 103 -8.79 -4.82 -26.60
N LEU C 104 -8.74 -3.50 -26.71
CA LEU C 104 -9.60 -2.64 -25.91
C LEU C 104 -10.20 -1.57 -26.81
N THR C 105 -11.49 -1.66 -27.07
CA THR C 105 -12.19 -0.61 -27.79
C THR C 105 -13.36 -0.13 -26.96
N LEU C 106 -13.65 1.16 -27.07
CA LEU C 106 -14.81 1.76 -26.45
C LEU C 106 -15.66 2.39 -27.55
N ARG C 107 -16.92 2.00 -27.62
CA ARG C 107 -17.73 2.17 -28.81
C ARG C 107 -19.09 2.75 -28.45
N TYR C 108 -19.09 3.94 -27.87
CA TYR C 108 -20.30 4.75 -27.64
C TYR C 108 -21.25 4.78 -28.82
N VAL C 109 -22.48 4.34 -28.59
CA VAL C 109 -23.53 4.28 -29.60
C VAL C 109 -24.63 5.25 -29.20
N PRO C 110 -24.98 6.22 -30.03
CA PRO C 110 -26.04 7.15 -29.68
C PRO C 110 -27.42 6.54 -29.88
N LEU C 111 -28.39 7.13 -29.21
CA LEU C 111 -29.79 6.69 -29.27
C LEU C 111 -30.70 7.87 -29.43
N VAL C 112 -30.27 8.89 -30.16
CA VAL C 112 -30.95 10.17 -30.13
C VAL C 112 -30.70 10.88 -31.45
N THR C 113 -31.64 11.73 -31.85
CA THR C 113 -31.56 12.39 -33.14
C THR C 113 -30.62 13.57 -33.07
N VAL C 114 -30.48 14.28 -34.19
CA VAL C 114 -29.71 15.53 -34.18
C VAL C 114 -30.71 16.60 -33.79
N GLN C 115 -31.06 16.60 -32.51
CA GLN C 115 -31.87 17.65 -31.90
C GLN C 115 -31.41 18.02 -30.52
N ASN C 116 -30.68 17.15 -29.83
CA ASN C 116 -30.29 17.36 -28.45
C ASN C 116 -28.80 17.65 -28.39
N SER C 117 -28.46 18.81 -27.87
CA SER C 117 -27.06 19.20 -27.77
C SER C 117 -26.41 18.52 -26.58
N GLY C 118 -25.10 18.66 -26.48
CA GLY C 118 -24.36 18.05 -25.39
C GLY C 118 -22.99 17.55 -25.81
N ARG C 119 -22.30 16.89 -24.90
CA ARG C 119 -20.99 16.35 -25.20
C ARG C 119 -20.70 15.16 -24.31
N VAL C 120 -20.21 14.08 -24.89
CA VAL C 120 -19.77 12.91 -24.17
C VAL C 120 -18.30 12.68 -24.48
N ALA C 121 -17.48 12.50 -23.45
CA ALA C 121 -16.08 12.19 -23.63
C ALA C 121 -15.75 10.89 -22.95
N MET C 122 -14.80 10.16 -23.53
CA MET C 122 -14.40 8.85 -23.04
C MET C 122 -12.90 8.90 -22.80
N ILE C 123 -12.47 8.61 -21.58
CA ILE C 123 -11.11 8.89 -21.13
C ILE C 123 -10.53 7.63 -20.52
N TRP C 124 -9.27 7.32 -20.84
CA TRP C 124 -8.56 6.21 -20.23
C TRP C 124 -7.32 6.70 -19.50
N ASP C 125 -7.20 6.34 -18.21
CA ASP C 125 -5.98 6.77 -17.55
C ASP C 125 -4.99 5.61 -17.48
N PRO C 126 -3.71 5.88 -17.39
CA PRO C 126 -2.79 4.79 -17.06
C PRO C 126 -2.71 4.59 -15.56
N ASP C 127 -2.98 5.64 -14.79
CA ASP C 127 -3.22 5.47 -13.37
C ASP C 127 -4.53 4.73 -13.13
N SER C 128 -4.67 4.18 -11.94
CA SER C 128 -5.95 3.69 -11.47
C SER C 128 -6.33 4.29 -10.14
N GLN C 129 -5.71 5.41 -9.78
CA GLN C 129 -5.98 6.06 -8.50
C GLN C 129 -6.06 7.57 -8.61
N ASP C 130 -6.06 8.13 -9.82
CA ASP C 130 -6.29 9.56 -9.94
C ASP C 130 -7.75 9.89 -9.67
N SER C 131 -8.03 11.16 -9.51
CA SER C 131 -9.39 11.64 -9.43
C SER C 131 -9.89 11.95 -10.83
N ALA C 132 -11.08 12.53 -10.93
CA ALA C 132 -11.66 12.88 -12.21
C ALA C 132 -11.86 14.38 -12.31
N PRO C 133 -11.90 14.93 -13.54
CA PRO C 133 -12.36 16.31 -13.70
C PRO C 133 -13.83 16.44 -13.33
N GLN C 134 -14.25 17.50 -12.62
CA GLN C 134 -13.59 18.68 -11.98
C GLN C 134 -12.81 19.68 -12.84
N SER C 135 -13.11 19.76 -14.15
CA SER C 135 -13.06 20.97 -14.99
C SER C 135 -13.44 20.65 -16.42
N ARG C 136 -13.43 21.64 -17.29
CA ARG C 136 -13.48 21.42 -18.73
C ARG C 136 -12.08 21.34 -19.28
N GLN C 137 -11.10 21.81 -18.51
CA GLN C 137 -9.73 21.85 -18.96
C GLN C 137 -9.14 20.46 -19.12
N GLU C 138 -9.56 19.53 -18.27
CA GLU C 138 -8.94 18.22 -18.15
C GLU C 138 -9.59 17.19 -19.05
N ILE C 139 -10.71 17.53 -19.67
CA ILE C 139 -11.47 16.56 -20.43
C ILE C 139 -10.76 16.23 -21.74
N SER C 140 -10.29 17.26 -22.43
CA SER C 140 -9.79 17.08 -23.79
C SER C 140 -8.46 16.36 -23.80
N ALA C 141 -7.45 16.95 -23.20
CA ALA C 141 -6.10 16.40 -23.29
C ALA C 141 -5.86 15.62 -22.03
N TYR C 142 -6.31 14.37 -22.01
CA TYR C 142 -5.88 13.58 -20.87
C TYR C 142 -4.61 12.86 -21.31
N SER C 143 -4.75 11.79 -22.07
CA SER C 143 -3.67 11.29 -22.92
C SER C 143 -4.26 10.67 -24.17
N ARG C 144 -5.44 10.11 -23.98
CA ARG C 144 -6.04 9.16 -24.92
C ARG C 144 -7.55 9.31 -24.74
N SER C 145 -8.15 10.20 -25.51
CA SER C 145 -9.53 10.58 -25.24
C SER C 145 -10.24 10.96 -26.52
N VAL C 146 -11.52 10.61 -26.57
CA VAL C 146 -12.41 10.95 -27.68
C VAL C 146 -13.60 11.68 -27.09
N SER C 147 -13.90 12.87 -27.60
CA SER C 147 -14.81 13.78 -26.94
C SER C 147 -15.80 14.39 -27.92
N THR C 148 -16.51 13.57 -28.67
CA THR C 148 -17.45 14.10 -29.66
C THR C 148 -18.76 14.51 -29.00
N ALA C 149 -19.76 14.78 -29.83
CA ALA C 149 -21.06 15.24 -29.38
C ALA C 149 -21.92 14.07 -28.91
N VAL C 150 -23.10 14.41 -28.39
CA VAL C 150 -24.00 13.38 -27.86
C VAL C 150 -24.62 12.57 -28.99
N TYR C 151 -25.13 13.23 -30.01
CA TYR C 151 -25.87 12.55 -31.05
C TYR C 151 -25.00 11.80 -32.05
N GLU C 152 -23.68 11.84 -31.93
CA GLU C 152 -22.80 11.30 -32.96
C GLU C 152 -21.89 10.25 -32.34
N LYS C 153 -21.58 9.22 -33.10
CA LYS C 153 -20.89 8.05 -32.55
C LYS C 153 -19.41 8.31 -32.30
N CYS C 154 -18.87 7.61 -31.32
CA CYS C 154 -17.46 7.68 -30.96
C CYS C 154 -16.85 6.30 -31.11
N SER C 155 -15.53 6.26 -31.07
CA SER C 155 -14.79 5.01 -30.99
C SER C 155 -13.42 5.32 -30.44
N LEU C 156 -13.06 4.67 -29.34
CA LEU C 156 -11.75 4.87 -28.73
C LEU C 156 -11.07 3.53 -28.57
N THR C 157 -9.80 3.45 -28.92
CA THR C 157 -9.01 2.26 -28.75
C THR C 157 -7.89 2.54 -27.75
N ILE C 158 -7.55 1.54 -26.96
CA ILE C 158 -6.51 1.65 -25.94
C ILE C 158 -5.39 0.70 -26.32
N PRO C 159 -4.15 1.17 -26.43
CA PRO C 159 -3.04 0.26 -26.71
C PRO C 159 -2.75 -0.63 -25.52
N ALA C 160 -2.33 -1.83 -25.81
CA ALA C 160 -2.14 -2.85 -24.78
C ALA C 160 -0.68 -2.95 -24.38
N ASP C 161 -0.42 -3.82 -23.42
CA ASP C 161 0.92 -4.15 -22.99
C ASP C 161 1.13 -5.64 -23.10
N ASN C 162 2.27 -6.10 -22.59
CA ASN C 162 2.55 -7.52 -22.54
C ASN C 162 2.76 -8.02 -21.13
N GLN C 163 2.60 -7.16 -20.12
CA GLN C 163 2.88 -7.56 -18.76
C GLN C 163 1.75 -8.39 -18.19
N TRP C 164 2.09 -9.22 -17.22
CA TRP C 164 1.12 -10.00 -16.48
C TRP C 164 0.88 -9.31 -15.15
N ARG C 165 -0.38 -9.10 -14.81
CA ARG C 165 -0.71 -8.40 -13.58
C ARG C 165 -1.62 -9.29 -12.75
N PHE C 166 -1.62 -9.06 -11.44
CA PHE C 166 -2.41 -9.85 -10.53
C PHE C 166 -3.89 -9.54 -10.65
N VAL C 167 -4.73 -10.57 -10.62
CA VAL C 167 -6.15 -10.37 -10.40
C VAL C 167 -6.35 -9.95 -8.95
N ALA C 168 -7.17 -8.93 -8.74
CA ALA C 168 -7.30 -8.33 -7.41
C ALA C 168 -8.05 -9.24 -6.44
N ASP C 169 -7.30 -10.02 -5.67
CA ASP C 169 -7.85 -10.88 -4.62
C ASP C 169 -7.13 -10.55 -3.32
N ASN C 170 -7.87 -10.65 -2.21
CA ASN C 170 -7.39 -10.37 -0.86
C ASN C 170 -6.79 -8.97 -0.80
N THR C 171 -7.71 -8.01 -0.97
CA THR C 171 -7.53 -6.67 -1.51
C THR C 171 -6.27 -5.96 -1.06
N THR C 172 -5.48 -5.55 -2.05
CA THR C 172 -4.30 -4.74 -1.81
C THR C 172 -4.71 -3.29 -1.60
N VAL C 173 -3.75 -2.48 -1.17
CA VAL C 173 -4.04 -1.07 -0.96
C VAL C 173 -3.62 -0.26 -2.18
N ASP C 174 -2.36 -0.32 -2.57
CA ASP C 174 -1.88 0.38 -3.75
C ASP C 174 -2.31 -0.40 -4.99
N ARG C 175 -3.57 -0.20 -5.38
CA ARG C 175 -4.10 -0.84 -6.57
C ARG C 175 -3.77 -0.06 -7.83
N LYS C 176 -2.52 0.34 -7.95
CA LYS C 176 -2.03 1.02 -9.13
C LYS C 176 -1.17 0.12 -9.97
N LEU C 177 -0.44 -0.76 -9.34
CA LEU C 177 0.41 -1.74 -9.99
C LEU C 177 -0.36 -3.01 -10.32
N VAL C 178 -1.64 -3.03 -10.02
CA VAL C 178 -2.50 -4.18 -10.25
C VAL C 178 -3.44 -3.95 -11.42
N ASP C 179 -4.15 -2.84 -11.38
CA ASP C 179 -5.12 -2.53 -12.42
C ASP C 179 -4.41 -2.06 -13.67
N PHE C 180 -5.14 -2.02 -14.78
CA PHE C 180 -4.56 -1.50 -16.00
C PHE C 180 -4.92 -0.04 -16.25
N GLY C 181 -5.94 0.47 -15.60
CA GLY C 181 -6.25 1.88 -15.68
C GLY C 181 -7.70 2.13 -15.33
N GLN C 182 -8.14 3.34 -15.66
CA GLN C 182 -9.50 3.76 -15.40
C GLN C 182 -10.22 4.08 -16.68
N LEU C 183 -11.54 4.19 -16.58
CA LEU C 183 -12.37 4.78 -17.61
C LEU C 183 -13.15 5.89 -16.94
N LEU C 184 -13.39 7.00 -17.63
CA LEU C 184 -13.88 8.15 -16.87
C LEU C 184 -15.23 8.70 -17.30
N PHE C 185 -15.53 8.76 -18.61
CA PHE C 185 -16.89 8.91 -19.14
C PHE C 185 -17.56 10.21 -18.68
N VAL C 186 -17.02 11.32 -19.15
CA VAL C 186 -17.44 12.65 -18.71
C VAL C 186 -18.46 13.22 -19.69
N THR C 187 -19.57 13.74 -19.16
CA THR C 187 -20.55 14.47 -19.95
C THR C 187 -20.79 15.85 -19.36
N HIS C 188 -21.17 16.80 -20.21
CA HIS C 188 -21.55 18.13 -19.75
C HIS C 188 -22.43 18.81 -20.78
N SER C 189 -23.09 19.88 -20.33
CA SER C 189 -23.81 20.85 -21.17
C SER C 189 -24.92 20.19 -22.00
N GLY C 190 -25.78 19.46 -21.32
CA GLY C 190 -26.81 18.69 -21.98
C GLY C 190 -27.98 19.53 -22.47
N SER C 191 -29.14 18.91 -22.76
CA SER C 191 -29.65 17.50 -22.62
C SER C 191 -29.48 16.85 -21.26
N ASP C 192 -30.35 17.23 -20.33
CA ASP C 192 -30.36 16.72 -18.96
C ASP C 192 -30.91 15.29 -18.95
N GLY C 193 -31.40 14.79 -17.81
CA GLY C 193 -31.39 13.37 -17.53
C GLY C 193 -32.20 12.46 -18.42
N ILE C 194 -31.67 12.29 -19.63
CA ILE C 194 -32.29 11.54 -20.73
C ILE C 194 -31.35 10.40 -21.08
N GLU C 195 -31.90 9.21 -21.35
CA GLU C 195 -31.21 8.14 -22.06
C GLU C 195 -30.57 8.67 -23.34
N THR C 196 -29.37 9.21 -23.29
CA THR C 196 -28.74 9.68 -24.52
C THR C 196 -28.11 8.55 -25.32
N GLY C 197 -27.16 7.85 -24.74
CA GLY C 197 -26.54 6.75 -25.45
C GLY C 197 -26.07 5.70 -24.49
N ASP C 198 -25.23 4.81 -24.99
CA ASP C 198 -24.71 3.74 -24.16
C ASP C 198 -23.33 3.34 -24.64
N ILE C 199 -22.53 2.80 -23.73
CA ILE C 199 -21.11 2.60 -23.93
C ILE C 199 -20.82 1.10 -23.92
N PHE C 200 -20.15 0.64 -24.97
CA PHE C 200 -19.79 -0.76 -25.08
C PHE C 200 -18.28 -0.92 -24.94
N LEU C 201 -17.87 -2.12 -24.58
CA LEU C 201 -16.48 -2.40 -24.21
C LEU C 201 -16.11 -3.77 -24.71
N ASP C 202 -14.96 -3.86 -25.39
CA ASP C 202 -14.51 -5.10 -25.99
C ASP C 202 -13.19 -5.54 -25.37
N CYS C 203 -13.04 -6.85 -25.18
CA CYS C 203 -11.84 -7.37 -24.56
C CYS C 203 -11.48 -8.72 -25.13
N GLU C 204 -10.18 -8.99 -25.17
CA GLU C 204 -9.63 -10.33 -25.27
C GLU C 204 -8.77 -10.49 -24.03
N VAL C 205 -9.28 -11.24 -23.06
CA VAL C 205 -8.61 -11.42 -21.77
C VAL C 205 -8.07 -12.83 -21.72
N GLU C 206 -6.81 -12.98 -21.35
CA GLU C 206 -6.24 -14.29 -21.14
C GLU C 206 -5.68 -14.39 -19.74
N PHE C 207 -5.73 -15.58 -19.17
CA PHE C 207 -5.42 -15.82 -17.77
C PHE C 207 -4.29 -16.83 -17.64
N LYS C 208 -3.36 -16.55 -16.74
CA LYS C 208 -2.30 -17.48 -16.42
C LYS C 208 -2.66 -18.12 -15.07
N GLY C 209 -1.71 -18.87 -14.49
CA GLY C 209 -1.92 -19.94 -13.52
C GLY C 209 -3.02 -19.86 -12.48
N PRO C 210 -3.73 -20.97 -12.27
CA PRO C 210 -5.02 -20.93 -11.60
C PRO C 210 -4.95 -21.05 -10.08
N GLN C 211 -5.98 -20.49 -9.46
CA GLN C 211 -6.29 -20.57 -8.04
C GLN C 211 -7.27 -21.69 -7.79
N PRO C 212 -7.54 -22.05 -6.52
CA PRO C 212 -8.78 -22.76 -6.24
C PRO C 212 -10.01 -21.95 -6.60
N THR C 213 -10.25 -20.85 -5.90
CA THR C 213 -11.30 -19.88 -6.20
C THR C 213 -10.94 -18.57 -5.53
N ALA C 214 -11.88 -17.64 -5.55
CA ALA C 214 -11.84 -16.45 -4.73
C ALA C 214 -13.21 -16.26 -4.12
N SER C 215 -13.25 -15.74 -2.90
CA SER C 215 -14.51 -15.65 -2.17
C SER C 215 -15.33 -14.50 -2.74
N ILE C 216 -16.40 -14.81 -3.45
CA ILE C 216 -17.19 -13.74 -4.04
C ILE C 216 -18.31 -13.37 -3.07
N VAL C 217 -17.95 -12.70 -1.97
CA VAL C 217 -18.85 -12.15 -0.98
C VAL C 217 -18.09 -10.99 -0.35
N GLN C 218 -18.61 -9.77 -0.44
CA GLN C 218 -17.92 -8.69 0.25
C GLN C 218 -18.10 -8.75 1.76
N LYS C 219 -17.22 -8.05 2.44
CA LYS C 219 -17.32 -7.81 3.88
C LYS C 219 -16.86 -6.37 4.09
N THR C 220 -17.80 -5.47 4.33
CA THR C 220 -17.47 -4.06 4.50
C THR C 220 -17.96 -3.57 5.86
N VAL C 221 -17.17 -2.72 6.50
CA VAL C 221 -17.40 -2.27 7.87
C VAL C 221 -17.33 -0.74 7.89
N ILE C 222 -18.28 -0.10 8.58
CA ILE C 222 -18.26 1.35 8.76
C ILE C 222 -18.26 1.66 10.25
N ASP C 223 -17.45 2.62 10.65
CA ASP C 223 -17.54 3.21 11.98
C ASP C 223 -18.05 4.64 11.85
N LEU C 224 -18.41 5.23 13.00
CA LEU C 224 -18.89 6.61 13.02
C LEU C 224 -17.80 7.57 12.61
N GLY C 225 -18.06 8.33 11.55
CA GLY C 225 -17.07 9.22 10.99
C GLY C 225 -16.20 8.59 9.92
N GLY C 226 -16.07 7.27 9.93
CA GLY C 226 -15.27 6.59 8.93
C GLY C 226 -16.04 6.36 7.65
N THR C 227 -15.43 5.60 6.76
CA THR C 227 -16.03 5.21 5.49
C THR C 227 -16.06 3.69 5.40
N LEU C 228 -16.47 3.19 4.23
CA LEU C 228 -16.41 1.76 3.97
C LEU C 228 -14.97 1.29 3.86
N THR C 229 -14.66 0.19 4.53
CA THR C 229 -13.38 -0.50 4.36
C THR C 229 -13.69 -1.93 4.01
N SER C 230 -13.40 -2.32 2.78
CA SER C 230 -13.77 -3.63 2.28
C SER C 230 -12.77 -4.69 2.71
N PHE C 231 -13.29 -5.89 2.94
CA PHE C 231 -12.46 -7.05 3.21
C PHE C 231 -12.96 -8.18 2.33
N GLU C 232 -12.09 -9.14 2.07
CA GLU C 232 -12.38 -10.43 1.44
C GLU C 232 -12.81 -10.33 -0.03
N GLY C 233 -12.98 -9.12 -0.59
CA GLY C 233 -13.27 -8.93 -2.00
C GLY C 233 -14.63 -9.42 -2.43
N PRO C 234 -15.07 -9.10 -3.66
CA PRO C 234 -14.69 -8.18 -4.75
C PRO C 234 -15.13 -6.75 -4.49
N SER C 235 -15.36 -5.98 -5.55
CA SER C 235 -15.56 -4.54 -5.39
C SER C 235 -16.96 -4.09 -5.78
N TYR C 236 -18.00 -4.74 -5.27
CA TYR C 236 -19.37 -4.24 -5.44
C TYR C 236 -19.53 -2.86 -4.83
N LEU C 237 -19.33 -2.74 -3.53
CA LEU C 237 -19.41 -1.43 -2.90
C LEU C 237 -18.02 -0.82 -2.79
N MET C 238 -17.97 0.49 -2.93
CA MET C 238 -16.74 1.27 -2.92
C MET C 238 -16.90 2.37 -1.87
N PRO C 239 -15.81 2.86 -1.27
CA PRO C 239 -15.91 3.66 -0.03
C PRO C 239 -16.75 4.94 -0.13
N PRO C 240 -16.87 5.63 -1.28
CA PRO C 240 -17.88 6.70 -1.31
C PRO C 240 -19.27 6.22 -1.75
N ASP C 241 -19.82 5.25 -1.03
CA ASP C 241 -21.18 4.78 -1.31
C ASP C 241 -22.09 4.71 -0.11
N ALA C 242 -21.57 4.82 1.10
CA ALA C 242 -22.39 4.63 2.28
C ALA C 242 -22.13 5.73 3.29
N PHE C 243 -23.12 5.99 4.12
CA PHE C 243 -23.05 6.99 5.17
C PHE C 243 -23.78 6.46 6.38
N ILE C 244 -23.23 6.70 7.57
CA ILE C 244 -23.95 6.36 8.78
C ILE C 244 -24.08 7.62 9.62
N THR C 245 -25.10 7.61 10.47
CA THR C 245 -25.31 8.68 11.44
C THR C 245 -25.43 8.06 12.81
N SER C 246 -25.86 8.84 13.79
CA SER C 246 -26.20 8.26 15.07
C SER C 246 -27.46 7.44 15.04
N SER C 247 -28.30 7.62 14.02
CA SER C 247 -29.60 6.97 14.02
C SER C 247 -30.01 6.36 12.69
N SER C 248 -29.26 6.59 11.61
CA SER C 248 -29.70 6.16 10.30
C SER C 248 -28.55 5.52 9.56
N PHE C 249 -28.83 5.02 8.37
CA PHE C 249 -27.88 4.27 7.58
C PHE C 249 -28.36 4.21 6.14
N GLY C 250 -27.44 4.32 5.19
CA GLY C 250 -27.80 4.28 3.79
C GLY C 250 -26.72 3.77 2.87
N LEU C 251 -27.11 3.05 1.81
CA LEU C 251 -26.18 2.54 0.81
C LEU C 251 -26.66 2.98 -0.57
N PHE C 252 -25.73 3.42 -1.40
CA PHE C 252 -26.02 3.73 -2.80
C PHE C 252 -25.38 2.64 -3.65
N VAL C 253 -26.12 1.55 -3.87
CA VAL C 253 -25.60 0.46 -4.70
C VAL C 253 -25.69 0.87 -6.16
N ASP C 254 -24.55 1.03 -6.82
CA ASP C 254 -24.55 1.32 -8.25
C ASP C 254 -23.66 0.31 -8.95
N VAL C 255 -24.19 -0.91 -9.12
CA VAL C 255 -23.57 -1.94 -9.94
C VAL C 255 -24.58 -2.62 -10.87
N ALA C 256 -25.88 -2.51 -10.59
CA ALA C 256 -27.00 -3.04 -11.39
C ALA C 256 -26.95 -4.57 -11.50
N GLY C 257 -27.20 -5.21 -10.37
CA GLY C 257 -27.54 -6.61 -10.33
C GLY C 257 -28.67 -6.90 -9.36
N THR C 258 -28.84 -8.16 -8.96
CA THR C 258 -29.77 -8.54 -7.90
C THR C 258 -28.96 -9.14 -6.77
N TYR C 259 -29.10 -8.61 -5.57
CA TYR C 259 -28.12 -8.92 -4.53
C TYR C 259 -28.77 -9.59 -3.34
N LEU C 260 -27.93 -9.86 -2.34
CA LEU C 260 -28.35 -10.52 -1.11
C LEU C 260 -27.56 -9.91 0.04
N LEU C 261 -28.20 -9.11 0.87
CA LEU C 261 -27.53 -8.43 1.96
C LEU C 261 -27.65 -9.24 3.24
N THR C 262 -26.74 -8.99 4.18
CA THR C 262 -26.92 -9.34 5.59
C THR C 262 -26.47 -8.11 6.36
N LEU C 263 -27.41 -7.26 6.74
CA LEU C 263 -27.09 -6.17 7.66
C LEU C 263 -26.81 -6.74 9.03
N VAL C 264 -25.72 -6.31 9.65
CA VAL C 264 -25.46 -6.56 11.06
C VAL C 264 -25.10 -5.20 11.64
N VAL C 265 -26.05 -4.58 12.34
CA VAL C 265 -25.88 -3.21 12.79
C VAL C 265 -25.90 -3.19 14.31
N THR C 266 -24.88 -2.59 14.91
CA THR C 266 -24.78 -2.46 16.35
C THR C 266 -25.57 -1.24 16.79
N CYS C 267 -26.77 -1.46 17.29
CA CYS C 267 -27.68 -0.40 17.71
C CYS C 267 -27.96 -0.51 19.20
N SER C 268 -28.92 0.30 19.64
CA SER C 268 -29.58 0.12 20.93
C SER C 268 -31.07 -0.11 20.81
N THR C 269 -31.70 0.31 19.73
CA THR C 269 -33.11 0.09 19.49
C THR C 269 -33.29 -0.65 18.17
N THR C 270 -34.55 -0.91 17.82
CA THR C 270 -34.86 -1.58 16.55
C THR C 270 -34.90 -0.54 15.43
N GLY C 271 -35.40 -0.94 14.28
CA GLY C 271 -35.51 -0.02 13.17
C GLY C 271 -36.10 -0.71 11.97
N SER C 272 -36.36 0.07 10.94
CA SER C 272 -36.95 -0.42 9.71
C SER C 272 -35.97 -0.24 8.57
N VAL C 273 -36.11 -1.09 7.55
CA VAL C 273 -35.28 -1.02 6.37
C VAL C 273 -36.19 -0.83 5.16
N THR C 274 -36.00 0.26 4.43
CA THR C 274 -36.71 0.48 3.19
C THR C 274 -35.73 0.40 2.03
N VAL C 275 -36.28 0.29 0.84
CA VAL C 275 -35.49 0.13 -0.37
C VAL C 275 -35.81 1.29 -1.30
N GLY C 276 -34.78 2.05 -1.66
CA GLY C 276 -34.98 3.37 -2.23
C GLY C 276 -35.21 3.43 -3.72
N GLY C 277 -34.53 4.35 -4.39
CA GLY C 277 -34.83 4.68 -5.76
C GLY C 277 -34.07 3.86 -6.78
N ASN C 278 -32.86 3.43 -6.44
CA ASN C 278 -32.08 2.67 -7.41
C ASN C 278 -32.54 1.24 -7.53
N SER C 279 -33.43 0.79 -6.66
CA SER C 279 -33.67 -0.63 -6.49
C SER C 279 -35.04 -0.87 -5.90
N THR C 280 -35.50 -2.11 -6.02
CA THR C 280 -36.77 -2.55 -5.45
C THR C 280 -36.56 -3.88 -4.75
N LEU C 281 -37.43 -4.18 -3.79
CA LEU C 281 -37.40 -5.46 -3.12
C LEU C 281 -37.83 -6.60 -4.02
N VAL C 282 -37.53 -7.81 -3.58
CA VAL C 282 -38.37 -8.95 -3.87
C VAL C 282 -39.09 -9.22 -2.56
N GLY C 283 -40.28 -8.67 -2.42
CA GLY C 283 -40.75 -8.13 -1.15
C GLY C 283 -41.05 -9.06 0.01
N ASP C 284 -40.05 -9.80 0.46
CA ASP C 284 -40.17 -10.61 1.67
C ASP C 284 -38.89 -10.48 2.50
N GLY C 285 -38.45 -9.25 2.74
CA GLY C 285 -37.24 -9.03 3.51
C GLY C 285 -37.49 -9.31 4.97
N ARG C 286 -36.91 -10.37 5.50
CA ARG C 286 -37.11 -10.79 6.88
C ARG C 286 -35.94 -10.32 7.74
N ALA C 287 -36.26 -9.59 8.79
CA ALA C 287 -35.27 -9.09 9.73
C ALA C 287 -35.68 -9.48 11.14
N ALA C 288 -34.78 -9.22 12.09
CA ALA C 288 -35.04 -9.56 13.48
C ALA C 288 -34.14 -8.72 14.38
N TYR C 289 -34.62 -8.47 15.58
CA TYR C 289 -33.84 -7.86 16.64
C TYR C 289 -33.63 -8.91 17.73
N GLY C 290 -32.95 -8.52 18.79
CA GLY C 290 -32.35 -9.48 19.72
C GLY C 290 -31.49 -8.73 20.70
N SER C 291 -30.22 -9.09 20.78
CA SER C 291 -29.26 -8.37 21.60
C SER C 291 -28.86 -7.06 20.92
N SER C 292 -27.71 -6.50 21.30
CA SER C 292 -27.24 -5.24 20.74
C SER C 292 -27.08 -5.26 19.22
N ASN C 293 -26.91 -6.43 18.62
CA ASN C 293 -26.91 -6.54 17.17
C ASN C 293 -28.31 -6.32 16.60
N TYR C 294 -28.36 -5.97 15.33
CA TYR C 294 -29.60 -5.98 14.55
C TYR C 294 -29.31 -6.63 13.21
N ILE C 295 -30.00 -7.71 12.92
CA ILE C 295 -29.66 -8.57 11.79
C ILE C 295 -30.82 -8.60 10.81
N ALA C 296 -30.53 -8.28 9.56
CA ALA C 296 -31.49 -8.31 8.47
C ALA C 296 -30.92 -9.14 7.33
N SER C 297 -31.77 -9.40 6.33
CA SER C 297 -31.35 -10.14 5.14
C SER C 297 -32.30 -9.75 4.03
N ILE C 298 -31.78 -9.04 3.04
CA ILE C 298 -32.60 -8.37 2.04
C ILE C 298 -32.23 -8.93 0.68
N VAL C 299 -33.19 -9.00 -0.22
CA VAL C 299 -32.93 -9.28 -1.63
C VAL C 299 -33.50 -8.12 -2.44
N PHE C 300 -32.62 -7.38 -3.09
CA PHE C 300 -33.03 -6.23 -3.87
C PHE C 300 -32.41 -6.32 -5.26
N THR C 301 -33.02 -5.63 -6.22
CA THR C 301 -32.56 -5.62 -7.61
C THR C 301 -32.29 -4.18 -7.99
N SER C 302 -31.03 -3.83 -8.17
CA SER C 302 -30.67 -2.45 -8.46
C SER C 302 -30.52 -2.22 -9.95
N SER C 303 -30.63 -0.95 -10.35
CA SER C 303 -30.55 -0.58 -11.75
C SER C 303 -29.31 0.22 -12.09
N GLY C 304 -28.60 0.77 -11.10
CA GLY C 304 -27.39 1.51 -11.36
C GLY C 304 -27.59 2.95 -11.77
N VAL C 305 -28.81 3.35 -12.11
CA VAL C 305 -29.10 4.74 -12.45
C VAL C 305 -29.02 5.57 -11.17
N LEU C 306 -28.65 6.84 -11.31
CA LEU C 306 -28.71 7.76 -10.18
C LEU C 306 -30.11 7.93 -9.64
N SER C 307 -30.17 8.15 -8.33
CA SER C 307 -31.33 8.71 -7.65
C SER C 307 -30.83 9.28 -6.33
N THR C 308 -31.41 10.38 -5.90
CA THR C 308 -30.94 11.03 -4.69
C THR C 308 -31.69 10.53 -3.46
N THR C 309 -31.81 9.21 -3.35
CA THR C 309 -32.31 8.51 -2.19
C THR C 309 -31.34 7.35 -2.05
N PRO C 310 -31.02 6.95 -0.82
CA PRO C 310 -30.21 5.74 -0.65
C PRO C 310 -30.98 4.52 -1.10
N SER C 311 -30.29 3.64 -1.79
CA SER C 311 -30.95 2.48 -2.38
C SER C 311 -31.36 1.48 -1.31
N VAL C 312 -30.54 1.30 -0.28
CA VAL C 312 -30.93 0.54 0.90
C VAL C 312 -30.75 1.45 2.10
N GLN C 313 -31.85 1.73 2.79
CA GLN C 313 -31.83 2.69 3.89
C GLN C 313 -32.34 2.04 5.15
N PHE C 314 -31.57 2.16 6.23
CA PHE C 314 -31.97 1.72 7.56
C PHE C 314 -32.03 2.93 8.46
N SER C 315 -33.22 3.27 8.94
CA SER C 315 -33.41 4.47 9.73
C SER C 315 -34.41 4.19 10.83
N GLY C 316 -34.41 5.07 11.83
CA GLY C 316 -35.31 4.98 12.95
C GLY C 316 -34.70 4.41 14.21
N SER C 317 -33.44 4.03 14.18
CA SER C 317 -32.80 3.40 15.32
C SER C 317 -32.10 4.45 16.18
N SER C 318 -31.24 4.01 17.07
CA SER C 318 -30.46 4.90 17.92
C SER C 318 -29.12 4.28 18.20
N GLY C 319 -28.08 5.11 18.17
CA GLY C 319 -26.68 4.75 18.47
C GLY C 319 -26.16 3.64 17.54
N VAL C 320 -26.12 3.95 16.25
CA VAL C 320 -25.45 3.08 15.32
C VAL C 320 -23.96 3.29 15.41
N SER C 321 -23.21 2.21 15.57
CA SER C 321 -21.75 2.31 15.64
C SER C 321 -21.05 1.53 14.55
N ARG C 322 -21.43 0.28 14.33
CA ARG C 322 -20.84 -0.53 13.28
C ARG C 322 -21.94 -1.11 12.40
N VAL C 323 -21.67 -1.19 11.11
CA VAL C 323 -22.52 -1.90 10.17
C VAL C 323 -21.63 -2.84 9.38
N GLN C 324 -21.95 -4.13 9.42
CA GLN C 324 -21.18 -5.13 8.69
C GLN C 324 -22.05 -5.73 7.59
N MET C 325 -21.43 -6.08 6.47
CA MET C 325 -22.18 -6.43 5.27
C MET C 325 -21.67 -7.74 4.68
N ASN C 326 -22.54 -8.39 3.93
CA ASN C 326 -22.18 -9.47 3.03
C ASN C 326 -23.09 -9.39 1.81
N ILE C 327 -22.50 -9.30 0.63
CA ILE C 327 -23.25 -9.14 -0.62
C ILE C 327 -22.84 -10.26 -1.56
N CYS C 328 -23.81 -10.84 -2.26
CA CYS C 328 -23.56 -12.13 -2.90
C CYS C 328 -23.94 -12.23 -4.37
N ARG C 329 -24.78 -11.34 -4.91
CA ARG C 329 -25.32 -11.43 -6.27
C ARG C 329 -26.10 -12.75 -6.48
N CYS C 330 -27.29 -12.77 -5.86
CA CYS C 330 -28.19 -13.91 -5.94
C CYS C 330 -29.43 -13.57 -6.75
N LYS C 331 -30.02 -14.59 -7.38
CA LYS C 331 -31.19 -14.39 -8.22
C LYS C 331 -32.46 -14.36 -7.38
N GLN C 332 -33.61 -14.29 -8.06
CA GLN C 332 -34.89 -14.04 -7.40
C GLN C 332 -35.54 -15.33 -6.90
N GLY C 333 -34.75 -16.20 -6.30
CA GLY C 333 -35.29 -17.40 -5.71
C GLY C 333 -34.63 -17.60 -4.37
N ASN C 334 -33.64 -16.76 -4.09
CA ASN C 334 -32.94 -16.79 -2.82
C ASN C 334 -33.53 -15.83 -1.81
N THR C 335 -34.82 -15.55 -1.92
CA THR C 335 -35.51 -14.72 -0.96
C THR C 335 -36.13 -15.57 0.12
N PHE C 336 -36.23 -15.02 1.31
CA PHE C 336 -36.87 -15.74 2.39
C PHE C 336 -38.39 -15.66 2.24
N ILE C 337 -39.09 -16.50 2.98
CA ILE C 337 -40.52 -16.69 2.80
C ILE C 337 -41.22 -16.36 4.11
N LEU C 338 -42.27 -15.54 4.03
CA LEU C 338 -43.15 -15.34 5.17
C LEU C 338 -43.93 -16.61 5.47
CA CA D . 16.43 -2.66 2.41
CA CA E . -2.14 9.99 -12.81
CA CA F . -4.50 -15.54 -5.80
#